data_7DZN
#
_entry.id   7DZN
#
_cell.length_a   96.992
_cell.length_b   96.992
_cell.length_c   263.839
_cell.angle_alpha   90.000
_cell.angle_beta   90.000
_cell.angle_gamma   90.000
#
_symmetry.space_group_name_H-M   'P 43 21 2'
#
loop_
_entity.id
_entity.type
_entity.pdbx_description
1 polymer 'MHC class I antigen'
2 polymer Beta-2-microglobulin
3 polymer 'Gag-Pol polyprotein'
4 polymer 'beta chain T18A TCR'
5 polymer 'alpha chain T18A TCR'
6 water water
#
loop_
_entity_poly.entity_id
_entity_poly.type
_entity_poly.pdbx_seq_one_letter_code
_entity_poly.pdbx_strand_id
1 'polypeptide(L)'
;MGGSHSMRYFYTSVSRPGRGEPRFISVGYVDDTQFVRFDSDAASPREEPRAPWIEQEGPEYWDRNTQIYKAQAQTDRESL
RNLRGYYNQSEAGSHTLQSMYGCDVGPDGRLLRGHNQYAYDGKDYIALNEDLRSWTAADTAAQITQRKWEAARVAEQDRA
YLEGTCVEWLRRYLENGKDTLERADPPKTHVTHHPISDHEATLRCWALGFYPAEITLTWQRDGEDQTQDTELVETRPAGD
RTFQKWAAVVVPSGEEQRYTCHVQHEGLPKPLTLRWEPS
;
A
2 'polypeptide(L)'
;MIQRTPKIQVYSRHPAENGKSNFLNCYVSGFHPSDIEVDLLKNGERIEKVEHSDLSFSKDWSFYLLYYTEFTPTEKDEYA
CRVNHVTLSQPKIVKWDRDM
;
B
3 'polypeptide(L)' TPQDLNTML C
4 'polypeptide(L)'
;MGDAGVIQSPRHEVTEMGQEVTLRCKPISGHNSLFWYRQTMMRGLELLIYFNNNVPIDDSGMPEDRFSAKMPNASFSTLK
IQPSEPRDSAVYFCASSLGIDAIYFGEGSWLTVVEDLKNVFPPEVAVFEPSEAEISHTQKATLVCLATGFYPDHVELSWW
VNGKEVHSGVCTDPQPLKEQPALNDSRYALSSRLRVSATFWQNPRNHFRCQVQFYGLSENDEWTQDRAKPVTQIVSAEAW
GRAD
;
D
5 'polypeptide(L)'
;MGDAKTTQPPSMDCAEGRAANLPCNHSTISGNEYVYWYRQIHSQGPQYIIHGLKNNETNEMASLIITEDRKSSTLILPHA
TLRDTAVYYCIVRGLNNAGNMLTFGGGTRLMVKPDIQNPDPAVYQLRDSKSSDKSVCLFTDFDSQTNVSQSKDSDVYITD
KCVLDMRSMDFKSNSAVAWSNKSDFACANAFNNSIIPEDTFFPS
;
E
#
# COMPACT_ATOMS: atom_id res chain seq x y z
N GLY A 3 16.62 -28.89 -14.47
CA GLY A 3 17.21 -28.86 -13.14
C GLY A 3 17.87 -27.53 -12.82
N SER A 4 17.34 -26.84 -11.81
CA SER A 4 17.81 -25.53 -11.36
C SER A 4 17.52 -24.46 -12.42
N HIS A 5 16.55 -23.58 -12.12
CA HIS A 5 16.15 -22.50 -13.01
C HIS A 5 16.22 -21.18 -12.25
N SER A 6 15.94 -20.08 -12.95
CA SER A 6 16.02 -18.76 -12.35
CA SER A 6 16.03 -18.76 -12.36
C SER A 6 15.05 -17.82 -13.04
N MET A 7 14.73 -16.74 -12.35
CA MET A 7 13.88 -15.67 -12.85
C MET A 7 14.50 -14.33 -12.46
N ARG A 8 14.50 -13.38 -13.39
CA ARG A 8 15.19 -12.11 -13.20
C ARG A 8 14.38 -10.97 -13.82
N TYR A 9 14.31 -9.86 -13.10
CA TYR A 9 13.77 -8.62 -13.60
C TYR A 9 14.85 -7.55 -13.56
N PHE A 10 15.04 -6.87 -14.69
CA PHE A 10 16.04 -5.82 -14.85
C PHE A 10 15.33 -4.51 -15.18
N TYR A 11 15.50 -3.51 -14.33
CA TYR A 11 14.98 -2.16 -14.52
C TYR A 11 16.14 -1.22 -14.85
N THR A 12 15.92 -0.34 -15.81
CA THR A 12 16.84 0.75 -16.12
C THR A 12 16.05 2.04 -16.20
N SER A 13 16.50 3.05 -15.46
CA SER A 13 15.88 4.38 -15.47
C SER A 13 16.96 5.40 -15.78
N VAL A 14 16.76 6.16 -16.86
CA VAL A 14 17.69 7.20 -17.27
C VAL A 14 16.99 8.54 -17.18
N SER A 15 17.55 9.44 -16.37
CA SER A 15 17.04 10.80 -16.27
C SER A 15 17.33 11.59 -17.54
N ARG A 16 16.43 12.51 -17.86
CA ARG A 16 16.52 13.31 -19.08
C ARG A 16 16.22 14.75 -18.73
N PRO A 17 17.23 15.50 -18.29
CA PRO A 17 17.00 16.89 -17.86
C PRO A 17 16.49 17.81 -18.96
N GLY A 18 16.56 17.40 -20.22
CA GLY A 18 15.97 18.19 -21.28
C GLY A 18 14.61 17.68 -21.72
N ARG A 19 13.95 16.91 -20.84
CA ARG A 19 12.72 16.23 -21.24
C ARG A 19 11.84 15.82 -20.06
N GLY A 20 11.94 16.53 -18.93
CA GLY A 20 11.00 16.36 -17.85
C GLY A 20 11.05 15.03 -17.13
N GLU A 21 10.27 14.03 -17.63
CA GLU A 21 10.21 12.71 -17.01
C GLU A 21 11.29 11.80 -17.58
N PRO A 22 11.78 10.84 -16.80
CA PRO A 22 12.85 9.96 -17.26
C PRO A 22 12.30 8.80 -18.06
N ARG A 23 13.23 8.03 -18.63
CA ARG A 23 12.89 6.83 -19.38
C ARG A 23 13.07 5.60 -18.50
N PHE A 24 12.05 4.74 -18.48
CA PHE A 24 12.06 3.53 -17.67
C PHE A 24 11.82 2.34 -18.58
N ILE A 25 12.72 1.36 -18.51
CA ILE A 25 12.59 0.11 -19.26
CA ILE A 25 12.57 0.11 -19.24
C ILE A 25 12.76 -1.06 -18.28
N SER A 26 11.89 -2.06 -18.40
CA SER A 26 11.99 -3.26 -17.60
CA SER A 26 11.96 -3.27 -17.60
C SER A 26 11.94 -4.47 -18.52
N VAL A 27 12.75 -5.48 -18.19
CA VAL A 27 12.76 -6.73 -18.92
C VAL A 27 12.72 -7.88 -17.93
N GLY A 28 12.03 -8.95 -18.31
CA GLY A 28 11.90 -10.13 -17.47
C GLY A 28 12.41 -11.36 -18.20
N TYR A 29 13.18 -12.18 -17.48
CA TYR A 29 13.86 -13.33 -18.03
C TYR A 29 13.59 -14.55 -17.17
N VAL A 30 13.32 -15.68 -17.82
CA VAL A 30 13.42 -16.99 -17.20
C VAL A 30 14.67 -17.64 -17.77
N ASP A 31 15.66 -17.87 -16.91
CA ASP A 31 16.98 -18.31 -17.34
C ASP A 31 17.53 -17.36 -18.41
N ASP A 32 17.70 -17.85 -19.63
CA ASP A 32 18.19 -17.06 -20.75
C ASP A 32 17.12 -16.83 -21.81
N THR A 33 15.86 -16.73 -21.39
CA THR A 33 14.74 -16.47 -22.29
C THR A 33 13.96 -15.30 -21.74
N GLN A 34 13.98 -14.17 -22.47
CA GLN A 34 13.19 -13.03 -22.06
C GLN A 34 11.73 -13.24 -22.49
N PHE A 35 10.81 -12.89 -21.59
CA PHE A 35 9.38 -13.12 -21.84
C PHE A 35 8.51 -11.90 -21.67
N VAL A 36 8.96 -10.84 -21.00
CA VAL A 36 8.17 -9.63 -20.85
C VAL A 36 9.07 -8.42 -21.05
N ARG A 37 8.43 -7.26 -21.30
CA ARG A 37 9.13 -6.02 -21.51
C ARG A 37 8.17 -4.86 -21.24
N PHE A 38 8.72 -3.73 -20.82
CA PHE A 38 7.95 -2.53 -20.59
C PHE A 38 8.82 -1.33 -20.91
N ASP A 39 8.25 -0.36 -21.62
CA ASP A 39 8.97 0.85 -22.02
C ASP A 39 8.06 2.05 -21.76
N SER A 40 8.52 2.96 -20.91
CA SER A 40 7.75 4.15 -20.57
C SER A 40 7.58 5.10 -21.75
N ASP A 41 8.34 4.92 -22.84
CA ASP A 41 8.27 5.81 -23.99
C ASP A 41 7.20 5.39 -25.00
N ALA A 42 6.53 4.27 -24.78
CA ALA A 42 5.50 3.83 -25.72
C ALA A 42 4.33 4.81 -25.74
N ALA A 43 3.55 4.75 -26.82
CA ALA A 43 2.36 5.59 -26.93
C ALA A 43 1.37 5.29 -25.81
N SER A 44 1.23 4.01 -25.46
CA SER A 44 0.39 3.58 -24.35
C SER A 44 1.12 2.49 -23.61
N PRO A 45 2.02 2.88 -22.69
CA PRO A 45 2.94 1.90 -22.08
C PRO A 45 2.20 0.79 -21.36
N ARG A 46 2.50 -0.45 -21.78
CA ARG A 46 1.94 -1.65 -21.15
C ARG A 46 3.02 -2.72 -21.17
N GLU A 47 2.93 -3.65 -20.22
CA GLU A 47 3.76 -4.84 -20.29
C GLU A 47 3.40 -5.64 -21.54
N GLU A 48 4.42 -6.10 -22.26
CA GLU A 48 4.15 -6.81 -23.49
C GLU A 48 4.80 -8.19 -23.47
N PRO A 49 4.19 -9.17 -24.12
CA PRO A 49 4.78 -10.52 -24.16
C PRO A 49 5.95 -10.60 -25.12
N ARG A 50 6.96 -11.39 -24.74
CA ARG A 50 8.14 -11.60 -25.56
C ARG A 50 8.45 -13.08 -25.78
N ALA A 51 7.55 -13.97 -25.38
CA ALA A 51 7.71 -15.40 -25.59
C ALA A 51 6.31 -16.01 -25.69
N PRO A 52 6.15 -17.11 -26.42
CA PRO A 52 4.80 -17.67 -26.59
C PRO A 52 4.18 -18.17 -25.29
N TRP A 53 4.95 -18.88 -24.46
CA TRP A 53 4.38 -19.53 -23.29
C TRP A 53 3.87 -18.56 -22.24
N ILE A 54 4.12 -17.26 -22.40
CA ILE A 54 3.54 -16.26 -21.50
C ILE A 54 2.28 -15.63 -22.08
N GLU A 55 2.02 -15.80 -23.38
CA GLU A 55 0.92 -15.10 -24.02
C GLU A 55 -0.45 -15.55 -23.50
N GLN A 56 -0.54 -16.73 -22.89
CA GLN A 56 -1.83 -17.24 -22.44
C GLN A 56 -2.34 -16.57 -21.18
N GLU A 57 -1.55 -15.70 -20.55
CA GLU A 57 -2.01 -15.03 -19.34
C GLU A 57 -3.16 -14.09 -19.64
N GLY A 58 -4.07 -13.96 -18.68
CA GLY A 58 -5.26 -13.17 -18.86
C GLY A 58 -5.01 -11.69 -18.71
N PRO A 59 -6.04 -10.89 -18.99
CA PRO A 59 -5.87 -9.43 -18.98
C PRO A 59 -5.50 -8.85 -17.62
N GLU A 60 -5.94 -9.49 -16.53
CA GLU A 60 -5.58 -8.97 -15.21
CA GLU A 60 -5.59 -9.01 -15.19
C GLU A 60 -4.08 -9.01 -14.98
N TYR A 61 -3.41 -10.05 -15.47
CA TYR A 61 -1.95 -10.13 -15.39
C TYR A 61 -1.30 -8.90 -15.99
N TRP A 62 -1.64 -8.61 -17.25
CA TRP A 62 -1.01 -7.50 -17.96
C TRP A 62 -1.37 -6.16 -17.33
N ASP A 63 -2.65 -5.96 -16.96
CA ASP A 63 -3.05 -4.69 -16.37
C ASP A 63 -2.35 -4.44 -15.04
N ARG A 64 -2.31 -5.47 -14.18
CA ARG A 64 -1.65 -5.33 -12.88
C ARG A 64 -0.17 -5.02 -13.05
N ASN A 65 0.51 -5.77 -13.93
CA ASN A 65 1.94 -5.54 -14.11
C ASN A 65 2.21 -4.18 -14.74
N THR A 66 1.30 -3.70 -15.59
CA THR A 66 1.45 -2.37 -16.18
C THR A 66 1.35 -1.29 -15.12
N GLN A 67 0.35 -1.39 -14.25
CA GLN A 67 0.27 -0.45 -13.12
C GLN A 67 1.53 -0.51 -12.27
N ILE A 68 2.04 -1.71 -12.03
CA ILE A 68 3.28 -1.87 -11.26
C ILE A 68 4.41 -1.08 -11.90
N TYR A 69 4.59 -1.26 -13.21
CA TYR A 69 5.70 -0.60 -13.90
C TYR A 69 5.55 0.91 -13.90
N LYS A 70 4.33 1.41 -14.05
CA LYS A 70 4.13 2.87 -14.06
C LYS A 70 4.48 3.47 -12.70
N ALA A 71 3.98 2.85 -11.62
CA ALA A 71 4.34 3.32 -10.29
C ALA A 71 5.84 3.25 -10.07
N GLN A 72 6.47 2.17 -10.55
CA GLN A 72 7.92 2.02 -10.41
C GLN A 72 8.66 3.13 -11.14
N ALA A 73 8.17 3.53 -12.32
CA ALA A 73 8.84 4.57 -13.09
C ALA A 73 8.77 5.92 -12.37
N GLN A 74 7.59 6.27 -11.86
CA GLN A 74 7.48 7.51 -11.07
C GLN A 74 8.42 7.49 -9.87
N THR A 75 8.41 6.39 -9.12
CA THR A 75 9.25 6.28 -7.94
C THR A 75 10.72 6.33 -8.31
N ASP A 76 11.10 5.80 -9.48
CA ASP A 76 12.49 5.85 -9.91
C ASP A 76 12.88 7.27 -10.31
N ARG A 77 11.95 8.03 -10.89
CA ARG A 77 12.22 9.45 -11.11
C ARG A 77 12.56 10.14 -9.79
N GLU A 78 11.70 9.95 -8.79
N GLU A 78 11.70 9.95 -8.79
CA GLU A 78 11.97 10.58 -7.49
CA GLU A 78 11.97 10.57 -7.49
C GLU A 78 13.26 10.05 -6.86
C GLU A 78 13.26 10.06 -6.87
N SER A 79 13.56 8.76 -7.07
CA SER A 79 14.78 8.19 -6.50
C SER A 79 16.02 8.75 -7.18
N LEU A 80 15.95 9.00 -8.48
CA LEU A 80 17.07 9.62 -9.18
C LEU A 80 17.32 11.04 -8.67
N ARG A 81 16.24 11.80 -8.46
CA ARG A 81 16.45 13.12 -7.85
C ARG A 81 17.05 12.99 -6.46
N ASN A 82 16.61 12.00 -5.68
CA ASN A 82 17.20 11.76 -4.37
C ASN A 82 18.70 11.48 -4.45
N LEU A 83 19.11 10.62 -5.39
CA LEU A 83 20.52 10.29 -5.54
C LEU A 83 21.33 11.50 -5.96
N ARG A 84 20.82 12.26 -6.92
CA ARG A 84 21.44 13.51 -7.33
C ARG A 84 21.69 14.41 -6.12
N GLY A 85 20.70 14.51 -5.24
CA GLY A 85 20.91 15.26 -4.01
C GLY A 85 21.99 14.64 -3.13
N TYR A 86 21.92 13.33 -2.93
CA TYR A 86 22.87 12.63 -2.07
C TYR A 86 24.31 12.92 -2.46
N TYR A 87 24.60 12.89 -3.76
CA TYR A 87 25.96 13.11 -4.24
C TYR A 87 26.27 14.57 -4.54
N ASN A 88 25.32 15.47 -4.36
CA ASN A 88 25.50 16.89 -4.66
C ASN A 88 25.86 17.10 -6.13
N GLN A 89 25.31 16.26 -7.01
CA GLN A 89 25.52 16.42 -8.43
C GLN A 89 24.59 17.51 -8.98
N SER A 90 24.92 18.00 -10.16
CA SER A 90 24.18 19.10 -10.76
C SER A 90 22.99 18.55 -11.55
N GLU A 91 22.07 19.46 -11.89
CA GLU A 91 20.85 19.11 -12.63
C GLU A 91 21.06 19.02 -14.13
N ALA A 92 22.29 19.20 -14.62
CA ALA A 92 22.56 19.21 -16.05
C ALA A 92 22.78 17.82 -16.62
N GLY A 93 23.52 16.97 -15.92
CA GLY A 93 23.86 15.68 -16.46
C GLY A 93 22.73 14.65 -16.35
N SER A 94 22.79 13.66 -17.22
N SER A 94 22.82 13.64 -17.20
CA SER A 94 21.86 12.53 -17.17
CA SER A 94 21.89 12.51 -17.20
C SER A 94 22.49 11.38 -16.40
C SER A 94 22.50 11.36 -16.41
N HIS A 95 21.67 10.69 -15.62
CA HIS A 95 22.13 9.61 -14.75
C HIS A 95 21.27 8.36 -14.95
N THR A 96 21.79 7.23 -14.48
CA THR A 96 21.18 5.94 -14.69
C THR A 96 21.07 5.20 -13.36
N LEU A 97 19.87 4.74 -13.04
CA LEU A 97 19.61 3.88 -11.89
C LEU A 97 19.13 2.52 -12.39
N GLN A 98 19.77 1.46 -11.94
CA GLN A 98 19.45 0.11 -12.38
C GLN A 98 19.01 -0.73 -11.19
N SER A 99 17.92 -1.48 -11.39
CA SER A 99 17.40 -2.42 -10.40
C SER A 99 17.49 -3.83 -10.94
N MET A 100 17.88 -4.76 -10.09
CA MET A 100 18.02 -6.17 -10.45
C MET A 100 17.40 -6.98 -9.34
N TYR A 101 16.39 -7.79 -9.65
CA TYR A 101 15.92 -8.72 -8.62
C TYR A 101 15.49 -10.03 -9.25
N GLY A 102 15.34 -11.04 -8.42
CA GLY A 102 14.92 -12.34 -8.93
C GLY A 102 15.32 -13.47 -8.01
N CYS A 103 15.00 -14.68 -8.45
CA CYS A 103 15.16 -15.86 -7.61
C CYS A 103 15.72 -17.03 -8.42
N ASP A 104 16.66 -17.75 -7.80
CA ASP A 104 17.20 -19.01 -8.31
C ASP A 104 16.63 -20.14 -7.46
N VAL A 105 15.97 -21.09 -8.11
CA VAL A 105 15.40 -22.25 -7.45
C VAL A 105 16.14 -23.50 -7.91
N GLY A 106 15.87 -24.61 -7.23
CA GLY A 106 16.52 -25.86 -7.55
C GLY A 106 15.68 -26.76 -8.44
N PRO A 107 16.21 -27.93 -8.79
CA PRO A 107 15.43 -28.87 -9.62
C PRO A 107 14.18 -29.36 -8.92
N ASP A 108 14.21 -29.45 -7.59
CA ASP A 108 13.01 -29.78 -6.82
C ASP A 108 11.95 -28.71 -6.95
N GLY A 109 12.37 -27.44 -6.88
CA GLY A 109 11.44 -26.33 -6.88
C GLY A 109 11.66 -25.36 -5.74
N ARG A 110 12.40 -25.80 -4.71
CA ARG A 110 12.65 -24.95 -3.56
C ARG A 110 13.63 -23.84 -3.92
N LEU A 111 13.52 -22.72 -3.21
CA LEU A 111 14.38 -21.57 -3.47
C LEU A 111 15.80 -21.84 -3.00
N LEU A 112 16.77 -21.48 -3.85
CA LEU A 112 18.17 -21.55 -3.49
C LEU A 112 18.78 -20.19 -3.17
N ARG A 113 18.43 -19.16 -3.94
CA ARG A 113 19.01 -17.83 -3.69
C ARG A 113 18.07 -16.75 -4.17
N GLY A 114 18.08 -15.62 -3.48
CA GLY A 114 17.32 -14.45 -3.89
C GLY A 114 18.25 -13.27 -4.12
N HIS A 115 17.81 -12.36 -4.98
CA HIS A 115 18.60 -11.20 -5.35
C HIS A 115 17.72 -9.96 -5.43
N ASN A 116 18.25 -8.85 -4.92
CA ASN A 116 17.56 -7.55 -4.98
C ASN A 116 18.65 -6.48 -4.74
N GLN A 117 19.20 -5.95 -5.83
CA GLN A 117 20.29 -4.99 -5.73
C GLN A 117 20.12 -3.88 -6.76
N TYR A 118 20.90 -2.82 -6.57
CA TYR A 118 20.72 -1.55 -7.26
C TYR A 118 22.08 -0.91 -7.53
N ALA A 119 22.20 -0.32 -8.72
CA ALA A 119 23.38 0.39 -9.15
C ALA A 119 23.03 1.81 -9.57
N TYR A 120 23.97 2.72 -9.34
CA TYR A 120 23.84 4.12 -9.75
C TYR A 120 24.99 4.47 -10.67
N ASP A 121 24.67 4.94 -11.87
CA ASP A 121 25.64 5.35 -12.87
C ASP A 121 26.67 4.26 -13.12
N GLY A 122 26.16 3.04 -13.31
CA GLY A 122 26.97 1.89 -13.67
C GLY A 122 27.68 1.21 -12.52
N LYS A 123 27.68 1.81 -11.33
CA LYS A 123 28.45 1.32 -10.20
C LYS A 123 27.52 0.85 -9.09
N ASP A 124 27.97 -0.18 -8.38
CA ASP A 124 27.18 -0.79 -7.32
C ASP A 124 26.72 0.27 -6.32
N TYR A 125 25.46 0.17 -5.91
CA TYR A 125 24.90 1.09 -4.91
C TYR A 125 24.48 0.36 -3.64
N ILE A 126 23.56 -0.60 -3.72
CA ILE A 126 23.11 -1.28 -2.51
C ILE A 126 22.54 -2.64 -2.87
N ALA A 127 22.83 -3.64 -2.04
CA ALA A 127 22.38 -5.00 -2.34
C ALA A 127 21.79 -5.65 -1.10
N LEU A 128 20.73 -6.44 -1.30
CA LEU A 128 20.17 -7.25 -0.24
C LEU A 128 21.04 -8.49 -0.05
N ASN A 129 21.53 -8.70 1.17
CA ASN A 129 22.44 -9.80 1.44
C ASN A 129 21.74 -11.15 1.24
N GLU A 130 22.56 -12.20 1.26
CA GLU A 130 22.05 -13.54 0.93
C GLU A 130 20.96 -13.98 1.90
N ASP A 131 21.10 -13.61 3.17
CA ASP A 131 20.10 -13.97 4.18
C ASP A 131 18.76 -13.28 3.95
N LEU A 132 18.69 -12.33 3.02
CA LEU A 132 17.48 -11.58 2.70
C LEU A 132 16.97 -10.79 3.90
N ARG A 133 17.88 -10.39 4.80
CA ARG A 133 17.52 -9.60 5.96
C ARG A 133 18.46 -8.44 6.23
N SER A 134 19.54 -8.29 5.47
CA SER A 134 20.54 -7.27 5.73
C SER A 134 20.98 -6.64 4.42
N TRP A 135 21.44 -5.40 4.50
CA TRP A 135 21.84 -4.62 3.34
C TRP A 135 23.34 -4.39 3.36
N THR A 136 23.99 -4.62 2.23
CA THR A 136 25.36 -4.18 2.02
C THR A 136 25.32 -2.92 1.16
N ALA A 137 25.78 -1.81 1.72
CA ALA A 137 25.82 -0.52 1.04
C ALA A 137 27.24 -0.22 0.57
N ALA A 138 27.34 0.60 -0.47
CA ALA A 138 28.62 0.85 -1.14
C ALA A 138 29.31 2.12 -0.66
N ASP A 139 28.57 3.16 -0.31
CA ASP A 139 29.17 4.40 0.17
C ASP A 139 28.22 5.03 1.18
N THR A 140 28.42 6.32 1.47
CA THR A 140 27.63 7.00 2.49
C THR A 140 26.22 7.29 2.01
N ALA A 141 26.06 7.67 0.74
CA ALA A 141 24.73 7.87 0.20
C ALA A 141 23.93 6.56 0.22
N ALA A 142 24.60 5.47 -0.15
CA ALA A 142 23.98 4.15 -0.05
C ALA A 142 23.57 3.85 1.39
N GLN A 143 24.29 4.40 2.37
CA GLN A 143 23.91 4.19 3.77
C GLN A 143 22.74 5.06 4.19
N ILE A 144 22.61 6.26 3.62
CA ILE A 144 21.38 7.03 3.78
C ILE A 144 20.18 6.19 3.33
N THR A 145 20.30 5.63 2.12
CA THR A 145 19.23 4.78 1.60
C THR A 145 19.04 3.54 2.47
N GLN A 146 20.13 3.00 3.01
CA GLN A 146 20.04 1.82 3.87
C GLN A 146 19.26 2.13 5.15
N ARG A 147 19.53 3.28 5.77
CA ARG A 147 18.76 3.67 6.96
C ARG A 147 17.29 3.84 6.63
N LYS A 148 17.00 4.58 5.54
CA LYS A 148 15.62 4.71 5.09
C LYS A 148 14.95 3.35 4.97
N TRP A 149 15.64 2.38 4.37
CA TRP A 149 15.04 1.08 4.09
C TRP A 149 14.93 0.22 5.34
N GLU A 150 15.88 0.37 6.28
CA GLU A 150 15.79 -0.37 7.53
C GLU A 150 14.60 0.11 8.35
N ALA A 151 14.34 1.42 8.35
CA ALA A 151 13.17 1.93 9.04
C ALA A 151 11.87 1.42 8.43
N ALA A 152 11.83 1.33 7.09
CA ALA A 152 10.64 0.89 6.39
C ALA A 152 10.55 -0.63 6.26
N ARG A 153 11.51 -1.36 6.82
CA ARG A 153 11.55 -2.83 6.77
C ARG A 153 11.39 -3.33 5.33
N VAL A 154 12.09 -2.69 4.41
CA VAL A 154 12.02 -3.07 2.99
C VAL A 154 12.51 -4.49 2.79
N ALA A 155 13.50 -4.91 3.59
CA ALA A 155 14.06 -6.25 3.47
C ALA A 155 12.97 -7.31 3.61
N GLU A 156 12.01 -7.10 4.50
CA GLU A 156 10.96 -8.09 4.69
C GLU A 156 10.04 -8.17 3.47
N GLN A 157 9.77 -7.03 2.83
CA GLN A 157 8.96 -7.05 1.60
C GLN A 157 9.68 -7.76 0.48
N ASP A 158 10.97 -7.45 0.29
CA ASP A 158 11.78 -8.16 -0.69
C ASP A 158 11.79 -9.66 -0.42
N ARG A 159 11.92 -10.04 0.85
CA ARG A 159 11.97 -11.46 1.21
C ARG A 159 10.63 -12.13 0.98
N ALA A 160 9.53 -11.42 1.24
CA ALA A 160 8.21 -11.97 0.99
C ALA A 160 8.00 -12.23 -0.50
N TYR A 161 8.49 -11.32 -1.36
CA TYR A 161 8.39 -11.55 -2.79
C TYR A 161 9.28 -12.71 -3.21
N LEU A 162 10.54 -12.71 -2.76
CA LEU A 162 11.51 -13.69 -3.24
C LEU A 162 11.15 -15.10 -2.80
N GLU A 163 10.66 -15.25 -1.57
CA GLU A 163 10.35 -16.57 -1.05
C GLU A 163 9.00 -17.08 -1.52
N GLY A 164 8.06 -16.17 -1.81
CA GLY A 164 6.70 -16.52 -2.16
C GLY A 164 6.47 -16.34 -3.64
N THR A 165 6.02 -15.16 -4.05
CA THR A 165 5.51 -14.94 -5.41
C THR A 165 6.53 -15.32 -6.48
N CYS A 166 7.80 -15.02 -6.25
CA CYS A 166 8.84 -15.31 -7.24
C CYS A 166 8.89 -16.79 -7.58
N VAL A 167 9.04 -17.64 -6.56
CA VAL A 167 9.19 -19.07 -6.79
C VAL A 167 7.92 -19.65 -7.41
N GLU A 168 6.76 -19.24 -6.89
CA GLU A 168 5.49 -19.75 -7.41
C GLU A 168 5.34 -19.44 -8.89
N TRP A 169 5.49 -18.17 -9.26
CA TRP A 169 5.27 -17.79 -10.65
C TRP A 169 6.37 -18.36 -11.55
N LEU A 170 7.58 -18.56 -11.02
CA LEU A 170 8.62 -19.20 -11.81
C LEU A 170 8.26 -20.64 -12.13
N ARG A 171 7.75 -21.37 -11.14
CA ARG A 171 7.35 -22.75 -11.39
C ARG A 171 6.15 -22.80 -12.35
N ARG A 172 5.24 -21.84 -12.24
CA ARG A 172 4.16 -21.74 -13.22
C ARG A 172 4.70 -21.53 -14.63
N TYR A 173 5.67 -20.63 -14.77
CA TYR A 173 6.26 -20.35 -16.08
C TYR A 173 6.96 -21.59 -16.63
N LEU A 174 7.71 -22.29 -15.78
CA LEU A 174 8.39 -23.50 -16.23
C LEU A 174 7.40 -24.56 -16.68
N GLU A 175 6.24 -24.65 -16.01
CA GLU A 175 5.23 -25.61 -16.45
C GLU A 175 4.63 -25.20 -17.78
N ASN A 176 4.13 -23.96 -17.89
CA ASN A 176 3.45 -23.53 -19.11
C ASN A 176 4.39 -23.41 -20.29
N GLY A 177 5.71 -23.35 -20.06
CA GLY A 177 6.65 -23.27 -21.16
C GLY A 177 7.65 -24.41 -21.18
N LYS A 178 7.27 -25.54 -20.60
CA LYS A 178 8.20 -26.66 -20.45
C LYS A 178 8.67 -27.22 -21.78
N ASP A 179 7.96 -26.94 -22.89
CA ASP A 179 8.38 -27.44 -24.18
C ASP A 179 9.72 -26.86 -24.61
N THR A 180 10.05 -25.65 -24.15
CA THR A 180 11.32 -25.01 -24.47
C THR A 180 12.17 -24.72 -23.25
N LEU A 181 11.57 -24.38 -22.11
CA LEU A 181 12.32 -23.92 -20.95
C LEU A 181 13.12 -25.05 -20.30
N GLU A 182 12.70 -26.30 -20.47
CA GLU A 182 13.38 -27.44 -19.88
C GLU A 182 14.30 -28.15 -20.85
N ARG A 183 14.09 -27.97 -22.16
CA ARG A 183 14.94 -28.58 -23.17
C ARG A 183 16.26 -27.84 -23.27
N ALA A 184 17.36 -28.59 -23.25
CA ALA A 184 18.70 -28.04 -23.44
C ALA A 184 19.13 -28.33 -24.86
N ASP A 185 19.11 -27.30 -25.71
CA ASP A 185 19.53 -27.43 -27.10
C ASP A 185 21.04 -27.64 -27.14
N PRO A 186 21.53 -28.80 -27.61
CA PRO A 186 22.98 -29.01 -27.60
C PRO A 186 23.64 -28.21 -28.71
N PRO A 187 24.91 -27.85 -28.52
CA PRO A 187 25.61 -27.05 -29.55
C PRO A 187 25.98 -27.92 -30.75
N LYS A 188 25.57 -27.49 -31.93
CA LYS A 188 26.17 -28.00 -33.15
C LYS A 188 27.61 -27.49 -33.23
N THR A 189 28.56 -28.42 -33.23
CA THR A 189 29.96 -28.09 -33.07
C THR A 189 30.74 -28.44 -34.32
N HIS A 190 31.72 -27.61 -34.66
CA HIS A 190 32.66 -27.99 -35.70
C HIS A 190 33.95 -27.22 -35.55
N VAL A 191 35.03 -27.81 -36.02
CA VAL A 191 36.33 -27.18 -36.01
C VAL A 191 36.62 -26.65 -37.41
N THR A 192 37.54 -25.69 -37.48
CA THR A 192 37.81 -24.99 -38.72
C THR A 192 39.23 -24.47 -38.70
N HIS A 193 39.79 -24.23 -39.90
CA HIS A 193 41.23 -24.06 -40.08
C HIS A 193 41.49 -22.95 -41.09
N HIS A 194 42.19 -21.90 -40.68
CA HIS A 194 42.62 -20.84 -41.59
C HIS A 194 44.13 -20.67 -41.53
N PRO A 195 44.85 -20.82 -42.64
CA PRO A 195 46.29 -20.56 -42.62
C PRO A 195 46.57 -19.06 -42.59
N ILE A 196 47.36 -18.63 -41.61
CA ILE A 196 47.72 -17.21 -41.52
C ILE A 196 48.82 -16.87 -42.49
N SER A 197 49.81 -17.76 -42.67
CA SER A 197 50.92 -17.50 -43.57
C SER A 197 51.34 -18.78 -44.26
N ASP A 198 52.54 -19.28 -43.92
CA ASP A 198 53.03 -20.56 -44.41
C ASP A 198 53.39 -21.54 -43.31
N HIS A 199 53.69 -21.06 -42.10
CA HIS A 199 54.06 -21.90 -40.99
C HIS A 199 53.15 -21.74 -39.78
N GLU A 200 52.11 -20.91 -39.86
CA GLU A 200 51.14 -20.74 -38.79
C GLU A 200 49.73 -20.97 -39.31
N ALA A 201 48.84 -21.28 -38.38
CA ALA A 201 47.43 -21.49 -38.71
C ALA A 201 46.58 -21.19 -37.48
N THR A 202 45.35 -20.76 -37.73
CA THR A 202 44.37 -20.55 -36.68
C THR A 202 43.35 -21.68 -36.73
N LEU A 203 43.18 -22.36 -35.60
CA LEU A 203 42.16 -23.38 -35.43
C LEU A 203 41.02 -22.79 -34.60
N ARG A 204 39.82 -22.76 -35.18
CA ARG A 204 38.64 -22.21 -34.53
C ARG A 204 37.67 -23.34 -34.22
N CYS A 205 37.31 -23.46 -32.95
CA CYS A 205 36.29 -24.40 -32.49
C CYS A 205 34.99 -23.62 -32.31
N TRP A 206 33.95 -24.07 -33.02
CA TRP A 206 32.67 -23.39 -33.13
C TRP A 206 31.60 -24.20 -32.41
N ALA A 207 30.84 -23.55 -31.55
CA ALA A 207 29.63 -24.10 -30.94
C ALA A 207 28.48 -23.17 -31.24
N LEU A 208 27.47 -23.66 -31.97
CA LEU A 208 26.38 -22.84 -32.46
C LEU A 208 25.04 -23.45 -32.09
N GLY A 209 24.05 -22.59 -31.89
CA GLY A 209 22.68 -23.06 -31.74
C GLY A 209 22.36 -23.73 -30.43
N PHE A 210 23.11 -23.43 -29.37
CA PHE A 210 22.88 -24.08 -28.08
C PHE A 210 22.08 -23.19 -27.13
N TYR A 211 21.46 -23.84 -26.15
CA TYR A 211 20.71 -23.19 -25.08
C TYR A 211 20.74 -24.11 -23.86
N PRO A 212 20.99 -23.57 -22.66
CA PRO A 212 21.22 -22.16 -22.33
C PRO A 212 22.61 -21.65 -22.74
N ALA A 213 22.89 -20.39 -22.38
CA ALA A 213 24.12 -19.75 -22.84
C ALA A 213 25.37 -20.37 -22.22
N GLU A 214 25.25 -21.06 -21.09
CA GLU A 214 26.42 -21.57 -20.38
C GLU A 214 27.12 -22.65 -21.20
N ILE A 215 28.41 -22.45 -21.45
CA ILE A 215 29.20 -23.34 -22.29
C ILE A 215 30.66 -23.20 -21.90
N THR A 216 31.44 -24.27 -22.08
CA THR A 216 32.87 -24.22 -21.84
C THR A 216 33.61 -24.73 -23.07
N LEU A 217 34.50 -23.91 -23.61
CA LEU A 217 35.35 -24.24 -24.75
C LEU A 217 36.80 -24.16 -24.32
N THR A 218 37.56 -25.23 -24.59
CA THR A 218 39.00 -25.18 -24.31
C THR A 218 39.76 -25.87 -25.43
N TRP A 219 40.99 -25.40 -25.66
CA TRP A 219 41.89 -26.01 -26.62
C TRP A 219 43.07 -26.60 -25.86
N GLN A 220 43.61 -27.70 -26.38
CA GLN A 220 44.64 -28.46 -25.68
C GLN A 220 45.66 -28.99 -26.69
N ARG A 221 46.92 -28.60 -26.53
CA ARG A 221 48.03 -29.14 -27.32
C ARG A 221 48.54 -30.42 -26.68
N ASP A 222 48.64 -31.48 -27.46
CA ASP A 222 49.16 -32.77 -27.02
C ASP A 222 48.26 -33.32 -25.92
N GLY A 223 48.18 -32.59 -24.80
CA GLY A 223 47.29 -32.92 -23.73
C GLY A 223 47.16 -31.80 -22.74
N GLU A 224 47.86 -30.70 -23.01
CA GLU A 224 47.88 -29.53 -22.12
C GLU A 224 47.13 -28.38 -22.75
N ASP A 225 46.22 -27.78 -21.97
CA ASP A 225 45.38 -26.67 -22.41
C ASP A 225 46.18 -25.45 -22.82
N GLN A 226 45.48 -24.42 -23.34
CA GLN A 226 46.08 -23.14 -23.76
C GLN A 226 45.40 -22.00 -23.02
N THR A 227 45.88 -21.71 -21.82
CA THR A 227 45.37 -20.56 -21.10
C THR A 227 45.96 -19.25 -21.58
N GLN A 228 46.82 -19.27 -22.60
CA GLN A 228 47.40 -18.05 -23.16
C GLN A 228 47.37 -18.00 -24.68
N ASP A 229 47.10 -19.11 -25.37
CA ASP A 229 47.03 -19.14 -26.82
C ASP A 229 45.60 -19.22 -27.34
N THR A 230 44.60 -19.35 -26.47
CA THR A 230 43.21 -19.53 -26.88
C THR A 230 42.47 -18.20 -26.79
N GLU A 231 42.20 -17.61 -27.95
CA GLU A 231 41.32 -16.45 -28.02
C GLU A 231 39.87 -16.91 -27.87
N LEU A 232 39.13 -16.23 -27.01
CA LEU A 232 37.74 -16.55 -26.74
C LEU A 232 36.87 -15.32 -27.00
N VAL A 233 35.98 -15.42 -27.97
CA VAL A 233 34.89 -14.44 -28.09
C VAL A 233 33.82 -14.76 -27.06
N GLU A 234 33.22 -13.71 -26.51
CA GLU A 234 32.18 -13.90 -25.53
C GLU A 234 30.90 -14.40 -26.22
N THR A 235 30.11 -15.18 -25.48
CA THR A 235 28.91 -15.79 -26.02
C THR A 235 28.00 -14.72 -26.63
N ARG A 236 27.52 -14.99 -27.84
CA ARG A 236 26.68 -14.02 -28.53
C ARG A 236 25.34 -14.63 -28.91
N PRO A 237 24.28 -13.84 -28.87
CA PRO A 237 22.94 -14.38 -29.19
C PRO A 237 22.78 -14.56 -30.69
N ALA A 238 22.32 -15.75 -31.10
CA ALA A 238 22.06 -15.98 -32.51
C ALA A 238 20.92 -15.11 -33.01
N GLY A 239 20.02 -14.69 -32.13
CA GLY A 239 18.83 -13.95 -32.53
C GLY A 239 17.59 -14.80 -32.64
N ASP A 240 17.70 -16.11 -32.37
CA ASP A 240 16.56 -17.02 -32.35
C ASP A 240 16.40 -17.67 -30.98
N ARG A 241 16.98 -17.06 -29.95
CA ARG A 241 17.06 -17.48 -28.56
C ARG A 241 18.16 -18.52 -28.31
N THR A 242 18.82 -19.03 -29.35
CA THR A 242 20.01 -19.84 -29.16
C THR A 242 21.25 -18.95 -29.15
N PHE A 243 22.40 -19.55 -28.86
CA PHE A 243 23.63 -18.79 -28.65
C PHE A 243 24.78 -19.40 -29.44
N GLN A 244 25.87 -18.65 -29.51
CA GLN A 244 27.05 -19.03 -30.27
C GLN A 244 28.30 -18.66 -29.49
N LYS A 245 29.37 -19.44 -29.70
CA LYS A 245 30.68 -19.11 -29.16
C LYS A 245 31.73 -19.83 -29.99
N TRP A 246 32.93 -19.25 -30.05
CA TRP A 246 34.06 -19.97 -30.63
C TRP A 246 35.34 -19.62 -29.88
N ALA A 247 36.31 -20.50 -30.03
CA ALA A 247 37.63 -20.32 -29.43
C ALA A 247 38.70 -20.73 -30.43
N ALA A 248 39.71 -19.88 -30.61
CA ALA A 248 40.72 -20.10 -31.64
C ALA A 248 42.12 -20.17 -31.04
N VAL A 249 43.00 -20.86 -31.75
CA VAL A 249 44.41 -21.00 -31.35
C VAL A 249 45.34 -20.78 -32.53
N VAL A 250 46.48 -20.16 -32.25
CA VAL A 250 47.60 -20.08 -33.18
C VAL A 250 48.42 -21.37 -33.04
N VAL A 251 48.81 -21.93 -34.19
CA VAL A 251 49.38 -23.28 -34.23
C VAL A 251 50.47 -23.33 -35.29
N PRO A 252 51.65 -23.88 -35.00
CA PRO A 252 52.66 -24.06 -36.04
C PRO A 252 52.18 -25.03 -37.11
N SER A 253 52.40 -24.66 -38.37
CA SER A 253 51.93 -25.49 -39.47
C SER A 253 52.64 -26.84 -39.47
N GLY A 254 51.87 -27.91 -39.55
CA GLY A 254 52.41 -29.25 -39.56
C GLY A 254 52.26 -30.00 -38.26
N GLU A 255 51.46 -29.50 -37.32
CA GLU A 255 51.19 -30.21 -36.08
C GLU A 255 49.76 -29.91 -35.63
N GLU A 256 48.83 -30.10 -36.55
CA GLU A 256 47.43 -29.73 -36.38
C GLU A 256 46.57 -30.88 -35.87
N GLN A 257 47.17 -32.04 -35.61
CA GLN A 257 46.49 -33.16 -34.97
C GLN A 257 46.81 -33.27 -33.49
N ARG A 258 47.76 -32.49 -32.98
CA ARG A 258 48.04 -32.45 -31.55
C ARG A 258 47.13 -31.49 -30.79
N TYR A 259 46.11 -30.93 -31.43
CA TYR A 259 45.22 -29.98 -30.79
C TYR A 259 43.82 -30.54 -30.70
N THR A 260 43.32 -30.69 -29.47
CA THR A 260 41.98 -31.18 -29.18
C THR A 260 41.15 -30.02 -28.65
N CYS A 261 39.88 -29.97 -29.04
CA CYS A 261 38.94 -28.97 -28.55
C CYS A 261 37.90 -29.66 -27.68
N HIS A 262 37.76 -29.17 -26.45
CA HIS A 262 36.84 -29.74 -25.48
C HIS A 262 35.66 -28.80 -25.31
N VAL A 263 34.46 -29.34 -25.53
CA VAL A 263 33.20 -28.62 -25.43
C VAL A 263 32.40 -29.25 -24.30
N GLN A 264 31.98 -28.44 -23.34
CA GLN A 264 31.13 -28.91 -22.26
C GLN A 264 29.88 -28.06 -22.19
N HIS A 265 28.72 -28.69 -22.36
CA HIS A 265 27.43 -28.02 -22.34
C HIS A 265 26.39 -28.93 -21.69
N GLU A 266 25.40 -28.29 -21.05
CA GLU A 266 24.37 -29.02 -20.33
C GLU A 266 23.58 -29.96 -21.24
N GLY A 267 23.44 -29.60 -22.52
CA GLY A 267 22.75 -30.46 -23.47
C GLY A 267 23.59 -31.56 -24.08
N LEU A 268 24.89 -31.56 -23.83
CA LEU A 268 25.75 -32.63 -24.33
C LEU A 268 25.65 -33.83 -23.40
N PRO A 269 25.30 -35.02 -23.90
CA PRO A 269 25.23 -36.19 -23.01
C PRO A 269 26.51 -36.44 -22.24
N LYS A 270 27.66 -36.30 -22.89
CA LYS A 270 28.96 -36.35 -22.24
C LYS A 270 29.82 -35.21 -22.76
N PRO A 271 30.80 -34.75 -21.99
CA PRO A 271 31.73 -33.73 -22.51
C PRO A 271 32.40 -34.22 -23.79
N LEU A 272 32.48 -33.35 -24.78
CA LEU A 272 32.81 -33.73 -26.14
C LEU A 272 34.20 -33.19 -26.51
N THR A 273 34.84 -33.87 -27.46
CA THR A 273 36.20 -33.54 -27.89
C THR A 273 36.29 -33.71 -29.40
N LEU A 274 36.69 -32.65 -30.09
CA LEU A 274 36.86 -32.64 -31.54
C LEU A 274 38.31 -32.31 -31.88
N ARG A 275 38.66 -32.54 -33.15
CA ARG A 275 39.96 -32.14 -33.67
C ARG A 275 39.78 -31.79 -35.14
N TRP A 276 40.78 -31.09 -35.70
CA TRP A 276 40.68 -30.70 -37.10
C TRP A 276 40.51 -31.94 -37.95
N GLU A 277 39.32 -32.10 -38.51
CA GLU A 277 39.07 -33.16 -39.46
C GLU A 277 39.33 -32.61 -40.85
N PRO A 278 40.58 -32.62 -41.31
CA PRO A 278 40.90 -31.94 -42.56
C PRO A 278 40.27 -32.66 -43.73
N SER A 279 39.74 -31.88 -44.64
CA SER A 279 38.92 -32.41 -45.70
C SER A 279 39.80 -32.67 -46.93
N MET B 1 30.82 8.38 -11.77
CA MET B 1 30.33 7.72 -12.97
C MET B 1 31.36 6.78 -13.56
N ILE B 2 30.95 5.55 -13.81
CA ILE B 2 31.76 4.54 -14.48
C ILE B 2 31.19 4.35 -15.88
N GLN B 3 32.00 4.62 -16.89
CA GLN B 3 31.60 4.46 -18.28
C GLN B 3 32.46 3.38 -18.92
N ARG B 4 31.82 2.49 -19.68
CA ARG B 4 32.48 1.34 -20.27
C ARG B 4 32.25 1.33 -21.77
N THR B 5 33.33 1.11 -22.53
CA THR B 5 33.20 1.11 -23.98
C THR B 5 32.63 -0.22 -24.46
N PRO B 6 31.83 -0.20 -25.52
CA PRO B 6 31.17 -1.43 -25.98
C PRO B 6 32.11 -2.34 -26.77
N LYS B 7 31.91 -3.64 -26.59
CA LYS B 7 32.44 -4.63 -27.50
C LYS B 7 31.41 -4.92 -28.58
N ILE B 8 31.90 -5.14 -29.80
CA ILE B 8 31.07 -5.29 -30.98
C ILE B 8 31.37 -6.63 -31.64
N GLN B 9 30.33 -7.29 -32.14
CA GLN B 9 30.48 -8.50 -32.94
C GLN B 9 29.50 -8.46 -34.10
N VAL B 10 29.99 -8.69 -35.30
CA VAL B 10 29.15 -8.73 -36.50
C VAL B 10 29.22 -10.14 -37.08
N TYR B 11 28.06 -10.72 -37.35
CA TYR B 11 28.00 -12.15 -37.67
C TYR B 11 26.59 -12.49 -38.15
N SER B 12 26.45 -13.67 -38.74
CA SER B 12 25.16 -14.14 -39.19
C SER B 12 24.53 -15.07 -38.16
N ARG B 13 23.21 -15.22 -38.25
CA ARG B 13 22.51 -16.18 -37.39
C ARG B 13 22.89 -17.61 -37.76
N HIS B 14 22.83 -17.94 -39.04
CA HIS B 14 23.21 -19.24 -39.57
C HIS B 14 24.48 -19.10 -40.40
N PRO B 15 25.23 -20.19 -40.58
CA PRO B 15 26.41 -20.13 -41.45
C PRO B 15 26.04 -19.61 -42.83
N ALA B 16 26.86 -18.70 -43.34
CA ALA B 16 26.53 -17.96 -44.54
C ALA B 16 26.87 -18.76 -45.79
N GLU B 17 25.89 -18.89 -46.67
CA GLU B 17 26.09 -19.36 -48.03
C GLU B 17 25.51 -18.32 -48.98
N ASN B 18 26.28 -17.99 -50.01
CA ASN B 18 25.90 -16.89 -50.90
C ASN B 18 24.59 -17.20 -51.62
N GLY B 19 23.71 -16.19 -51.65
CA GLY B 19 22.45 -16.31 -52.36
C GLY B 19 21.31 -16.94 -51.59
N LYS B 20 21.50 -17.28 -50.32
CA LYS B 20 20.45 -17.88 -49.51
C LYS B 20 20.18 -16.98 -48.31
N SER B 21 18.88 -16.76 -48.04
CA SER B 21 18.47 -15.79 -47.04
C SER B 21 19.03 -16.12 -45.66
N ASN B 22 19.28 -15.08 -44.88
CA ASN B 22 19.92 -15.19 -43.57
C ASN B 22 19.64 -13.92 -42.78
N PHE B 23 20.17 -13.86 -41.56
CA PHE B 23 20.03 -12.72 -40.68
C PHE B 23 21.41 -12.18 -40.32
N LEU B 24 21.58 -10.87 -40.45
CA LEU B 24 22.80 -10.18 -40.06
C LEU B 24 22.61 -9.59 -38.67
N ASN B 25 23.62 -9.80 -37.81
CA ASN B 25 23.59 -9.44 -36.40
C ASN B 25 24.78 -8.56 -36.08
N CYS B 26 24.52 -7.48 -35.36
CA CYS B 26 25.53 -6.67 -34.69
C CYS B 26 25.20 -6.66 -33.20
N TYR B 27 26.04 -7.32 -32.41
CA TYR B 27 25.84 -7.45 -30.97
C TYR B 27 26.80 -6.49 -30.28
N VAL B 28 26.24 -5.54 -29.54
CA VAL B 28 27.03 -4.61 -28.73
C VAL B 28 26.80 -4.96 -27.27
N SER B 29 27.88 -4.98 -26.49
CA SER B 29 27.74 -5.38 -25.10
C SER B 29 28.81 -4.70 -24.25
N GLY B 30 28.62 -4.79 -22.94
CA GLY B 30 29.63 -4.32 -22.02
C GLY B 30 29.77 -2.82 -21.93
N PHE B 31 28.80 -2.07 -22.44
CA PHE B 31 28.91 -0.61 -22.46
C PHE B 31 28.05 0.01 -21.36
N HIS B 32 28.33 1.30 -21.11
CA HIS B 32 27.64 2.11 -20.13
C HIS B 32 28.05 3.57 -20.35
N PRO B 33 27.10 4.51 -20.43
CA PRO B 33 25.65 4.31 -20.25
C PRO B 33 24.94 3.68 -21.45
N SER B 34 23.61 3.72 -21.42
CA SER B 34 22.79 2.97 -22.36
C SER B 34 22.63 3.65 -23.71
N ASP B 35 22.89 4.95 -23.79
CA ASP B 35 22.72 5.68 -25.05
C ASP B 35 23.77 5.23 -26.05
N ILE B 36 23.34 4.49 -27.07
CA ILE B 36 24.24 3.96 -28.09
C ILE B 36 23.57 4.09 -29.45
N GLU B 37 24.38 4.36 -30.48
CA GLU B 37 23.90 4.47 -31.86
C GLU B 37 24.48 3.31 -32.65
N VAL B 38 23.60 2.48 -33.23
CA VAL B 38 24.01 1.28 -33.94
C VAL B 38 23.32 1.24 -35.29
N ASP B 39 24.10 1.09 -36.35
CA ASP B 39 23.59 0.98 -37.71
C ASP B 39 24.26 -0.19 -38.42
N LEU B 40 23.53 -0.78 -39.37
CA LEU B 40 24.06 -1.82 -40.24
C LEU B 40 24.16 -1.29 -41.66
N LEU B 41 25.26 -1.61 -42.34
CA LEU B 41 25.58 -1.04 -43.64
C LEU B 41 25.82 -2.15 -44.64
N LYS B 42 25.17 -2.03 -45.81
CA LYS B 42 25.42 -2.87 -46.97
C LYS B 42 26.18 -2.04 -48.00
N ASN B 43 27.46 -2.39 -48.22
CA ASN B 43 28.32 -1.66 -49.14
C ASN B 43 28.32 -0.16 -48.84
N GLY B 44 28.54 0.17 -47.56
CA GLY B 44 28.64 1.54 -47.11
C GLY B 44 27.33 2.24 -46.83
N GLU B 45 26.21 1.74 -47.34
CA GLU B 45 24.94 2.41 -47.19
C GLU B 45 24.12 1.78 -46.07
N ARG B 46 23.44 2.63 -45.30
CA ARG B 46 22.63 2.18 -44.18
C ARG B 46 21.54 1.22 -44.65
N ILE B 47 21.41 0.10 -43.94
CA ILE B 47 20.30 -0.83 -44.17
C ILE B 47 19.10 -0.32 -43.39
N GLU B 48 18.02 -0.02 -44.11
CA GLU B 48 16.83 0.49 -43.46
C GLU B 48 15.99 -0.67 -42.91
N LYS B 49 15.12 -0.34 -41.94
CA LYS B 49 14.27 -1.30 -41.24
C LYS B 49 15.09 -2.35 -40.50
N VAL B 50 15.92 -1.91 -39.55
CA VAL B 50 16.71 -2.80 -38.70
C VAL B 50 16.10 -2.80 -37.31
N GLU B 51 15.94 -3.98 -36.72
CA GLU B 51 15.37 -4.14 -35.39
C GLU B 51 16.45 -4.43 -34.37
N HIS B 52 16.12 -4.19 -33.10
CA HIS B 52 17.04 -4.46 -32.01
C HIS B 52 16.29 -5.05 -30.83
N SER B 53 17.02 -5.77 -29.99
CA SER B 53 16.44 -6.39 -28.80
C SER B 53 16.13 -5.33 -27.75
N ASP B 54 15.37 -5.74 -26.74
CA ASP B 54 15.03 -4.85 -25.64
C ASP B 54 16.23 -4.67 -24.71
N LEU B 55 16.37 -3.46 -24.17
CA LEU B 55 17.55 -3.13 -23.38
C LEU B 55 17.63 -4.02 -22.14
N SER B 56 18.77 -4.67 -21.97
CA SER B 56 19.06 -5.50 -20.82
C SER B 56 20.53 -5.33 -20.46
N PHE B 57 20.92 -5.81 -19.28
CA PHE B 57 22.29 -5.67 -18.85
C PHE B 57 22.76 -6.94 -18.15
N SER B 58 24.07 -7.01 -17.91
CA SER B 58 24.70 -8.16 -17.30
C SER B 58 24.96 -7.90 -15.83
N LYS B 59 25.61 -8.86 -15.18
CA LYS B 59 25.82 -8.83 -13.74
C LYS B 59 26.87 -7.84 -13.28
N ASP B 60 27.57 -7.18 -14.21
CA ASP B 60 28.42 -6.06 -13.87
C ASP B 60 27.76 -4.73 -14.21
N TRP B 61 26.45 -4.75 -14.46
CA TRP B 61 25.59 -3.60 -14.76
C TRP B 61 25.81 -3.02 -16.15
N SER B 62 26.63 -3.66 -16.98
CA SER B 62 26.87 -3.17 -18.34
C SER B 62 25.79 -3.68 -19.28
N PHE B 63 25.35 -2.81 -20.19
CA PHE B 63 24.23 -3.10 -21.07
C PHE B 63 24.66 -3.94 -22.26
N TYR B 64 23.67 -4.58 -22.90
CA TYR B 64 23.90 -5.27 -24.16
C TYR B 64 22.65 -5.17 -25.03
N LEU B 65 22.86 -5.13 -26.34
CA LEU B 65 21.81 -5.03 -27.33
C LEU B 65 22.23 -5.82 -28.57
N LEU B 66 21.23 -6.37 -29.27
CA LEU B 66 21.46 -7.10 -30.51
C LEU B 66 20.62 -6.44 -31.60
N TYR B 67 21.29 -5.80 -32.56
CA TYR B 67 20.64 -5.28 -33.75
C TYR B 67 20.73 -6.33 -34.85
N TYR B 68 19.68 -6.43 -35.65
CA TYR B 68 19.63 -7.51 -36.62
C TYR B 68 18.72 -7.11 -37.77
N THR B 69 18.96 -7.74 -38.92
CA THR B 69 18.11 -7.52 -40.08
C THR B 69 18.17 -8.73 -41.00
N GLU B 70 17.20 -8.79 -41.90
CA GLU B 70 17.21 -9.79 -42.95
C GLU B 70 18.21 -9.40 -44.03
N PHE B 71 18.98 -10.36 -44.52
CA PHE B 71 19.91 -10.07 -45.60
C PHE B 71 20.27 -11.36 -46.32
N THR B 72 20.68 -11.22 -47.57
CA THR B 72 21.12 -12.35 -48.39
C THR B 72 22.55 -12.06 -48.85
N PRO B 73 23.56 -12.66 -48.21
CA PRO B 73 24.94 -12.37 -48.58
C PRO B 73 25.27 -12.93 -49.95
N THR B 74 26.08 -12.18 -50.69
CA THR B 74 26.63 -12.64 -51.96
C THR B 74 28.14 -12.84 -51.79
N GLU B 75 28.85 -12.93 -52.92
CA GLU B 75 30.30 -13.01 -52.86
C GLU B 75 30.94 -11.63 -52.78
N LYS B 76 30.33 -10.62 -53.40
CA LYS B 76 30.93 -9.31 -53.56
C LYS B 76 30.45 -8.28 -52.55
N ASP B 77 29.35 -8.53 -51.85
CA ASP B 77 28.77 -7.53 -50.97
C ASP B 77 29.55 -7.42 -49.65
N GLU B 78 29.72 -6.19 -49.18
CA GLU B 78 30.38 -5.91 -47.93
C GLU B 78 29.33 -5.42 -46.91
N TYR B 79 29.37 -6.00 -45.72
CA TYR B 79 28.46 -5.61 -44.65
C TYR B 79 29.28 -5.17 -43.44
N ALA B 80 28.79 -4.14 -42.76
CA ALA B 80 29.49 -3.58 -41.62
C ALA B 80 28.48 -3.10 -40.59
N CYS B 81 29.01 -2.78 -39.40
CA CYS B 81 28.22 -2.22 -38.32
C CYS B 81 28.92 -0.98 -37.79
N ARG B 82 28.17 0.12 -37.72
CA ARG B 82 28.66 1.39 -37.19
C ARG B 82 28.11 1.57 -35.79
N VAL B 83 29.00 1.88 -34.84
CA VAL B 83 28.64 2.05 -33.44
C VAL B 83 29.20 3.38 -32.96
N ASN B 84 28.34 4.19 -32.36
CA ASN B 84 28.75 5.42 -31.69
C ASN B 84 28.30 5.38 -30.24
N HIS B 85 29.17 5.87 -29.36
CA HIS B 85 28.96 5.80 -27.93
C HIS B 85 29.79 6.91 -27.29
N VAL B 86 29.33 7.41 -26.14
CA VAL B 86 30.01 8.50 -25.47
C VAL B 86 31.45 8.16 -25.06
N THR B 87 31.82 6.89 -25.10
CA THR B 87 33.18 6.48 -24.79
C THR B 87 34.10 6.46 -26.01
N LEU B 88 33.60 6.80 -27.19
CA LEU B 88 34.36 6.70 -28.43
C LEU B 88 34.58 8.09 -29.00
N SER B 89 35.85 8.46 -29.19
CA SER B 89 36.20 9.71 -29.83
C SER B 89 35.87 9.73 -31.31
N GLN B 90 35.56 8.57 -31.90
CA GLN B 90 35.15 8.47 -33.29
C GLN B 90 34.31 7.21 -33.43
N PRO B 91 33.24 7.26 -34.22
CA PRO B 91 32.39 6.07 -34.38
C PRO B 91 33.18 4.90 -34.95
N LYS B 92 33.05 3.74 -34.30
CA LYS B 92 33.75 2.55 -34.74
C LYS B 92 32.98 1.85 -35.85
N ILE B 93 33.71 1.33 -36.82
CA ILE B 93 33.15 0.59 -37.94
C ILE B 93 33.77 -0.81 -37.94
N VAL B 94 32.94 -1.82 -37.76
CA VAL B 94 33.42 -3.21 -37.77
C VAL B 94 32.81 -3.91 -38.98
N LYS B 95 33.66 -4.42 -39.87
CA LYS B 95 33.19 -5.13 -41.04
C LYS B 95 32.85 -6.57 -40.70
N TRP B 96 31.85 -7.10 -41.39
CA TRP B 96 31.43 -8.48 -41.19
C TRP B 96 32.47 -9.42 -41.77
N ASP B 97 33.28 -10.02 -40.89
CA ASP B 97 34.15 -11.12 -41.31
C ASP B 97 33.31 -12.39 -41.34
N ARG B 98 33.24 -13.00 -42.53
CA ARG B 98 32.36 -14.15 -42.72
C ARG B 98 32.81 -15.35 -41.90
N ASP B 99 34.09 -15.39 -41.54
CA ASP B 99 34.67 -16.52 -40.81
C ASP B 99 34.73 -16.28 -39.31
N MET B 100 34.11 -15.22 -38.81
CA MET B 100 34.19 -14.91 -37.38
C MET B 100 32.80 -14.74 -36.75
N THR C 1 6.09 -12.83 -12.76
CA THR C 1 5.42 -11.57 -12.51
C THR C 1 6.33 -10.65 -11.68
N PRO C 2 6.32 -9.36 -11.98
CA PRO C 2 7.18 -8.42 -11.24
C PRO C 2 6.67 -8.21 -9.83
N GLN C 3 7.54 -7.68 -8.99
CA GLN C 3 7.21 -7.47 -7.59
C GLN C 3 6.30 -6.25 -7.44
N ASP C 4 5.22 -6.42 -6.67
CA ASP C 4 4.23 -5.38 -6.47
C ASP C 4 4.69 -4.38 -5.40
N LEU C 5 5.81 -3.72 -5.70
CA LEU C 5 6.41 -2.74 -4.82
C LEU C 5 6.82 -1.53 -5.65
N ASN C 6 7.02 -0.39 -4.98
CA ASN C 6 7.65 0.77 -5.57
C ASN C 6 8.58 1.38 -4.52
N THR C 7 9.68 0.67 -4.26
CA THR C 7 10.67 1.14 -3.31
C THR C 7 11.38 2.39 -3.82
N MET C 8 11.54 3.37 -2.94
CA MET C 8 12.25 4.60 -3.24
C MET C 8 13.54 4.64 -2.45
N LEU C 9 14.60 5.18 -3.05
CA LEU C 9 15.88 5.29 -2.35
C LEU C 9 16.27 6.75 -2.17
N ALA D 4 2.95 13.38 18.55
CA ALA D 4 2.36 13.89 17.32
C ALA D 4 1.90 12.76 16.42
N GLY D 5 0.59 12.71 16.15
CA GLY D 5 0.01 11.77 15.23
C GLY D 5 -0.25 12.39 13.87
N VAL D 6 -1.22 11.83 13.16
CA VAL D 6 -1.62 12.38 11.87
C VAL D 6 -2.51 13.59 12.11
N ILE D 7 -2.22 14.69 11.41
CA ILE D 7 -2.92 15.95 11.63
C ILE D 7 -3.82 16.22 10.44
N GLN D 8 -5.09 16.54 10.71
CA GLN D 8 -6.08 16.73 9.65
C GLN D 8 -6.75 18.09 9.81
N SER D 9 -7.16 18.68 8.68
CA SER D 9 -7.90 19.94 8.74
C SER D 9 -8.77 20.10 7.50
N PRO D 10 -9.97 20.68 7.63
CA PRO D 10 -10.57 21.13 8.88
C PRO D 10 -11.20 19.97 9.64
N ARG D 11 -11.37 20.12 10.95
CA ARG D 11 -11.99 19.06 11.72
C ARG D 11 -13.50 19.00 11.47
N HIS D 12 -14.13 20.17 11.35
CA HIS D 12 -15.53 20.28 10.99
C HIS D 12 -15.65 21.21 9.79
N GLU D 13 -16.56 20.88 8.88
CA GLU D 13 -16.88 21.80 7.78
C GLU D 13 -18.35 21.65 7.45
N VAL D 14 -19.10 22.74 7.61
CA VAL D 14 -20.48 22.84 7.18
C VAL D 14 -20.53 23.94 6.13
N THR D 15 -20.80 23.56 4.88
CA THR D 15 -20.84 24.53 3.79
C THR D 15 -21.98 24.18 2.85
N GLU D 16 -22.46 25.19 2.14
CA GLU D 16 -23.48 24.98 1.13
C GLU D 16 -22.91 24.18 -0.03
N MET D 17 -23.80 23.56 -0.80
CA MET D 17 -23.36 22.76 -1.93
C MET D 17 -22.86 23.66 -3.06
N GLY D 18 -22.21 23.04 -4.03
CA GLY D 18 -21.77 23.72 -5.23
C GLY D 18 -20.47 24.48 -5.12
N GLN D 19 -19.77 24.38 -3.99
CA GLN D 19 -18.47 25.04 -3.86
C GLN D 19 -17.38 24.01 -3.61
N GLU D 20 -16.14 24.48 -3.55
CA GLU D 20 -14.97 23.62 -3.45
C GLU D 20 -14.65 23.33 -2.00
N VAL D 21 -14.50 22.04 -1.68
CA VAL D 21 -14.07 21.60 -0.36
C VAL D 21 -12.65 21.07 -0.49
N THR D 22 -11.77 21.52 0.41
CA THR D 22 -10.39 21.07 0.44
C THR D 22 -10.08 20.53 1.83
N LEU D 23 -9.72 19.25 1.90
CA LEU D 23 -9.28 18.62 3.13
C LEU D 23 -7.77 18.35 3.05
N ARG D 24 -7.07 18.70 4.12
CA ARG D 24 -5.61 18.65 4.19
C ARG D 24 -5.18 17.67 5.26
N CYS D 25 -4.04 17.02 5.01
CA CYS D 25 -3.49 16.01 5.90
C CYS D 25 -1.97 16.16 5.96
N LYS D 26 -1.44 16.16 7.19
CA LYS D 26 -0.02 16.05 7.47
C LYS D 26 0.21 14.69 8.10
N PRO D 27 0.90 13.77 7.40
CA PRO D 27 1.17 12.45 7.98
C PRO D 27 2.18 12.55 9.12
N ILE D 28 2.30 11.43 9.84
CA ILE D 28 3.34 11.32 10.85
C ILE D 28 4.69 11.43 10.17
N SER D 29 5.49 12.42 10.56
CA SER D 29 6.72 12.72 9.85
C SER D 29 7.64 11.51 9.81
N GLY D 30 8.23 11.25 8.65
CA GLY D 30 8.99 10.05 8.40
C GLY D 30 8.21 8.96 7.70
N HIS D 31 6.88 9.01 7.74
CA HIS D 31 6.07 8.00 7.08
C HIS D 31 6.09 8.20 5.57
N ASN D 32 6.02 7.09 4.85
CA ASN D 32 6.04 7.10 3.39
C ASN D 32 4.72 6.72 2.76
N SER D 33 3.80 6.12 3.51
CA SER D 33 2.51 5.70 2.96
C SER D 33 1.38 6.56 3.51
N LEU D 34 0.47 6.97 2.64
CA LEU D 34 -0.67 7.79 3.02
C LEU D 34 -1.95 7.20 2.44
N PHE D 35 -3.04 7.27 3.21
CA PHE D 35 -4.33 6.73 2.83
C PHE D 35 -5.41 7.75 3.13
N TRP D 36 -6.36 7.87 2.20
CA TRP D 36 -7.60 8.60 2.42
C TRP D 36 -8.73 7.59 2.42
N TYR D 37 -9.45 7.51 3.56
CA TYR D 37 -10.64 6.71 3.76
C TYR D 37 -11.85 7.61 3.96
N ARG D 38 -13.03 7.06 3.70
CA ARG D 38 -14.29 7.77 3.91
C ARG D 38 -15.23 6.90 4.71
N GLN D 39 -16.01 7.51 5.61
CA GLN D 39 -16.95 6.79 6.45
C GLN D 39 -18.32 7.45 6.35
N THR D 40 -19.30 6.66 5.92
CA THR D 40 -20.72 6.95 5.97
C THR D 40 -21.42 5.81 6.71
N MET D 41 -22.72 5.96 6.96
CA MET D 41 -23.44 4.90 7.65
C MET D 41 -23.64 3.70 6.73
N MET D 42 -24.08 3.94 5.50
CA MET D 42 -24.31 2.89 4.51
C MET D 42 -23.14 1.94 4.40
N ARG D 43 -21.94 2.48 4.21
CA ARG D 43 -20.82 1.70 3.70
C ARG D 43 -19.72 1.42 4.70
N GLY D 44 -19.66 2.12 5.84
CA GLY D 44 -18.84 1.63 6.94
C GLY D 44 -17.42 2.14 7.13
N LEU D 45 -16.62 2.20 6.04
CA LEU D 45 -15.23 2.66 6.00
C LEU D 45 -14.62 2.20 4.69
N GLU D 46 -14.41 3.11 3.75
CA GLU D 46 -13.99 2.75 2.41
C GLU D 46 -12.71 3.50 2.04
N LEU D 47 -11.76 2.78 1.43
CA LEU D 47 -10.53 3.42 0.98
C LEU D 47 -10.80 4.27 -0.24
N LEU D 48 -10.42 5.55 -0.16
CA LEU D 48 -10.51 6.43 -1.31
C LEU D 48 -9.22 6.39 -2.13
N ILE D 49 -8.06 6.60 -1.50
CA ILE D 49 -6.82 6.59 -2.26
C ILE D 49 -5.67 6.13 -1.37
N TYR D 50 -4.75 5.38 -1.98
CA TYR D 50 -3.52 4.90 -1.36
C TYR D 50 -2.33 5.43 -2.16
N PHE D 51 -1.56 6.32 -1.52
CA PHE D 51 -0.27 6.81 -1.98
C PHE D 51 0.85 6.05 -1.26
N ASN D 52 1.87 5.65 -2.03
CA ASN D 52 3.11 5.15 -1.45
C ASN D 52 4.26 5.93 -2.09
N ASN D 53 5.06 6.59 -1.26
CA ASN D 53 6.17 7.43 -1.72
C ASN D 53 5.67 8.52 -2.66
N ASN D 54 4.50 9.10 -2.34
CA ASN D 54 3.85 10.18 -3.04
C ASN D 54 3.33 9.79 -4.42
N VAL D 55 3.40 8.52 -4.77
CA VAL D 55 2.87 8.01 -6.04
C VAL D 55 1.50 7.39 -5.78
N PRO D 56 0.47 7.75 -6.53
CA PRO D 56 -0.84 7.11 -6.34
C PRO D 56 -0.78 5.65 -6.74
N ILE D 57 -0.93 4.76 -5.75
CA ILE D 57 -0.92 3.33 -6.02
C ILE D 57 -2.31 2.81 -6.29
N ASP D 58 -3.29 3.18 -5.47
CA ASP D 58 -4.64 2.64 -5.63
C ASP D 58 -5.66 3.75 -5.49
N ASP D 59 -6.43 4.01 -6.57
CA ASP D 59 -7.45 5.04 -6.54
C ASP D 59 -8.81 4.53 -7.01
N SER D 60 -9.00 3.21 -7.06
CA SER D 60 -10.28 2.67 -7.53
C SER D 60 -11.43 3.13 -6.66
N GLY D 61 -11.18 3.40 -5.38
CA GLY D 61 -12.19 3.94 -4.50
C GLY D 61 -12.50 5.41 -4.68
N MET D 62 -11.84 6.07 -5.62
CA MET D 62 -12.12 7.48 -5.91
C MET D 62 -13.42 7.58 -6.70
N PRO D 63 -14.35 8.46 -6.30
CA PRO D 63 -15.49 8.75 -7.18
C PRO D 63 -15.03 9.20 -8.55
N GLU D 64 -15.85 8.92 -9.56
CA GLU D 64 -15.44 9.13 -10.94
C GLU D 64 -15.36 10.60 -11.31
N ASP D 65 -16.05 11.48 -10.60
CA ASP D 65 -16.08 12.90 -10.93
C ASP D 65 -16.06 13.73 -9.66
N ARG D 66 -15.48 14.93 -9.76
CA ARG D 66 -15.46 16.00 -8.77
C ARG D 66 -14.46 15.73 -7.65
N PHE D 67 -13.87 14.55 -7.54
CA PHE D 67 -12.96 14.20 -6.45
C PHE D 67 -11.54 14.10 -6.98
N SER D 68 -10.61 14.82 -6.34
CA SER D 68 -9.23 14.87 -6.79
C SER D 68 -8.30 14.78 -5.58
N ALA D 69 -7.44 13.76 -5.57
CA ALA D 69 -6.49 13.57 -4.48
C ALA D 69 -5.07 13.93 -4.93
N LYS D 70 -4.26 14.41 -3.99
CA LYS D 70 -3.02 15.08 -4.37
C LYS D 70 -1.99 14.94 -3.26
N MET D 71 -0.75 14.56 -3.62
CA MET D 71 0.35 14.53 -2.67
C MET D 71 1.59 15.18 -3.27
N PRO D 72 1.78 16.49 -3.05
CA PRO D 72 2.93 17.17 -3.64
C PRO D 72 4.25 16.84 -2.95
N ASN D 73 4.23 16.47 -1.68
CA ASN D 73 5.43 16.11 -0.95
C ASN D 73 5.06 15.12 0.15
N ALA D 74 6.09 14.52 0.74
CA ALA D 74 5.90 13.44 1.72
C ALA D 74 5.28 13.91 3.03
N SER D 75 4.91 15.18 3.16
CA SER D 75 4.36 15.70 4.40
C SER D 75 3.06 16.45 4.20
N PHE D 76 2.44 16.37 3.03
CA PHE D 76 1.22 17.11 2.75
C PHE D 76 0.39 16.37 1.72
N SER D 77 -0.90 16.21 1.99
CA SER D 77 -1.82 15.63 1.03
C SER D 77 -3.16 16.33 1.11
N THR D 78 -3.80 16.49 -0.05
CA THR D 78 -5.13 17.11 -0.12
C THR D 78 -6.10 16.20 -0.84
N LEU D 79 -7.36 16.33 -0.43
CA LEU D 79 -8.51 15.74 -1.11
C LEU D 79 -9.49 16.88 -1.38
N LYS D 80 -9.81 17.09 -2.66
CA LYS D 80 -10.64 18.21 -3.07
C LYS D 80 -11.89 17.71 -3.76
N ILE D 81 -13.02 18.30 -3.39
CA ILE D 81 -14.34 18.00 -3.93
C ILE D 81 -14.84 19.27 -4.61
N GLN D 82 -15.13 19.17 -5.90
CA GLN D 82 -15.65 20.34 -6.60
C GLN D 82 -16.44 19.95 -7.84
N PRO D 83 -17.72 20.35 -7.92
CA PRO D 83 -18.40 21.06 -6.83
C PRO D 83 -18.98 20.12 -5.78
N SER D 84 -19.03 20.60 -4.53
CA SER D 84 -19.53 19.77 -3.44
C SER D 84 -21.03 19.54 -3.58
N GLU D 85 -21.46 18.33 -3.27
CA GLU D 85 -22.86 17.94 -3.32
C GLU D 85 -23.26 17.29 -2.00
N PRO D 86 -24.54 17.33 -1.65
CA PRO D 86 -24.97 16.76 -0.36
C PRO D 86 -24.60 15.30 -0.17
N ARG D 87 -24.58 14.51 -1.25
CA ARG D 87 -24.21 13.11 -1.14
C ARG D 87 -22.75 12.91 -0.75
N ASP D 88 -21.94 13.97 -0.73
CA ASP D 88 -20.55 13.89 -0.30
C ASP D 88 -20.39 13.97 1.20
N SER D 89 -21.45 14.28 1.95
CA SER D 89 -21.36 14.40 3.40
C SER D 89 -20.91 13.09 4.02
N ALA D 90 -19.84 13.16 4.81
CA ALA D 90 -19.21 11.98 5.40
C ALA D 90 -18.07 12.39 6.31
N VAL D 91 -17.38 11.43 6.92
CA VAL D 91 -16.17 11.73 7.68
C VAL D 91 -14.98 11.16 6.90
N TYR D 92 -14.04 12.02 6.55
CA TYR D 92 -12.89 11.64 5.76
C TYR D 92 -11.68 11.51 6.68
N PHE D 93 -11.13 10.30 6.76
CA PHE D 93 -10.00 10.02 7.62
C PHE D 93 -8.73 9.93 6.78
N CYS D 94 -7.66 10.52 7.31
CA CYS D 94 -6.33 10.37 6.74
C CYS D 94 -5.51 9.46 7.63
N ALA D 95 -4.83 8.50 7.03
CA ALA D 95 -3.98 7.57 7.75
C ALA D 95 -2.60 7.56 7.11
N SER D 96 -1.59 7.26 7.92
CA SER D 96 -0.23 7.22 7.41
C SER D 96 0.52 6.04 8.02
N SER D 97 1.60 5.66 7.37
CA SER D 97 2.33 4.47 7.79
C SER D 97 3.78 4.56 7.35
N LEU D 98 4.66 4.05 8.22
CA LEU D 98 6.08 3.90 7.93
C LEU D 98 6.35 2.47 7.53
N GLY D 99 6.56 2.24 6.23
CA GLY D 99 6.89 0.90 5.77
C GLY D 99 5.75 -0.07 6.05
N ILE D 100 6.11 -1.23 6.58
CA ILE D 100 5.12 -2.23 6.95
C ILE D 100 4.81 -2.19 8.45
N ASP D 101 5.05 -1.05 9.09
CA ASP D 101 4.58 -0.84 10.45
C ASP D 101 3.09 -0.52 10.44
N ALA D 102 2.51 -0.45 11.63
CA ALA D 102 1.07 -0.25 11.76
C ALA D 102 0.63 1.06 11.11
N ILE D 103 -0.56 1.04 10.52
CA ILE D 103 -1.15 2.23 9.94
C ILE D 103 -1.86 3.01 11.03
N TYR D 104 -1.59 4.31 11.10
CA TYR D 104 -2.15 5.18 12.13
C TYR D 104 -3.09 6.20 11.49
N PHE D 105 -4.25 6.40 12.09
CA PHE D 105 -5.28 7.25 11.53
C PHE D 105 -5.31 8.60 12.23
N GLY D 106 -5.68 9.64 11.47
CA GLY D 106 -5.92 10.93 12.03
C GLY D 106 -7.27 11.01 12.72
N GLU D 107 -7.57 12.20 13.23
CA GLU D 107 -8.82 12.40 13.96
C GLU D 107 -10.02 12.60 13.04
N GLY D 108 -9.80 12.83 11.75
CA GLY D 108 -10.89 12.88 10.81
C GLY D 108 -11.35 14.29 10.50
N SER D 109 -11.95 14.44 9.32
CA SER D 109 -12.57 15.69 8.88
C SER D 109 -14.03 15.40 8.61
N TRP D 110 -14.92 15.99 9.41
CA TRP D 110 -16.35 15.71 9.35
C TRP D 110 -17.01 16.76 8.47
N LEU D 111 -17.38 16.36 7.26
CA LEU D 111 -17.93 17.27 6.25
C LEU D 111 -19.43 17.02 6.10
N THR D 112 -20.21 18.09 6.27
CA THR D 112 -21.65 18.07 5.98
C THR D 112 -21.92 19.13 4.92
N VAL D 113 -22.31 18.69 3.74
CA VAL D 113 -22.68 19.59 2.64
C VAL D 113 -24.19 19.71 2.68
N VAL D 114 -24.68 20.92 2.98
CA VAL D 114 -26.11 21.15 3.13
C VAL D 114 -26.71 21.62 1.80
N GLU D 115 -27.91 21.11 1.51
CA GLU D 115 -28.65 21.51 0.33
C GLU D 115 -28.99 22.99 0.33
N ASP D 116 -29.06 23.61 1.51
CA ASP D 116 -29.38 25.03 1.63
C ASP D 116 -29.01 25.48 3.03
N LEU D 117 -28.30 26.61 3.12
CA LEU D 117 -27.87 27.15 4.40
C LEU D 117 -29.04 27.49 5.31
N LYS D 118 -30.24 27.67 4.74
CA LYS D 118 -31.41 28.01 5.56
C LYS D 118 -31.74 26.93 6.58
N ASN D 119 -31.31 25.69 6.35
CA ASN D 119 -31.62 24.59 7.25
C ASN D 119 -30.73 24.52 8.47
N VAL D 120 -29.73 25.39 8.58
CA VAL D 120 -28.76 25.36 9.67
C VAL D 120 -29.33 26.10 10.88
N PHE D 121 -29.18 25.51 12.06
CA PHE D 121 -29.70 26.09 13.30
C PHE D 121 -28.78 25.76 14.47
N PRO D 122 -28.52 26.72 15.35
CA PRO D 122 -27.77 26.42 16.56
C PRO D 122 -28.64 25.74 17.59
N PRO D 123 -28.07 25.11 18.61
CA PRO D 123 -28.89 24.42 19.60
C PRO D 123 -29.38 25.33 20.71
N GLU D 124 -30.54 24.96 21.25
CA GLU D 124 -30.98 25.48 22.54
C GLU D 124 -30.55 24.50 23.62
N VAL D 125 -30.22 25.03 24.78
CA VAL D 125 -29.70 24.23 25.89
C VAL D 125 -30.53 24.50 27.13
N ALA D 126 -30.96 23.43 27.80
CA ALA D 126 -31.80 23.55 29.00
C ALA D 126 -31.37 22.52 30.03
N VAL D 127 -31.29 22.95 31.29
CA VAL D 127 -30.87 22.09 32.39
C VAL D 127 -32.10 21.78 33.25
N PHE D 128 -32.24 20.51 33.62
CA PHE D 128 -33.35 19.99 34.39
C PHE D 128 -32.79 19.47 35.70
N GLU D 129 -33.29 20.02 36.80
CA GLU D 129 -32.75 19.85 38.14
C GLU D 129 -33.15 18.49 38.71
N PRO D 130 -32.36 17.96 39.65
CA PRO D 130 -32.64 16.63 40.20
C PRO D 130 -34.02 16.55 40.82
N SER D 131 -34.61 15.36 40.74
CA SER D 131 -35.92 15.11 41.32
C SER D 131 -35.79 14.86 42.82
N GLU D 132 -36.63 15.52 43.61
CA GLU D 132 -36.60 15.35 45.06
C GLU D 132 -36.82 13.89 45.45
N ALA D 133 -37.60 13.16 44.67
CA ALA D 133 -37.79 11.73 44.94
C ALA D 133 -36.47 10.98 44.83
N GLU D 134 -35.70 11.26 43.78
CA GLU D 134 -34.39 10.62 43.65
C GLU D 134 -33.48 10.99 44.81
N ILE D 135 -33.49 12.27 45.21
CA ILE D 135 -32.65 12.73 46.31
C ILE D 135 -32.98 11.98 47.60
N SER D 136 -34.27 11.85 47.90
CA SER D 136 -34.67 11.17 49.13
C SER D 136 -34.52 9.66 49.05
N HIS D 137 -34.53 9.08 47.85
CA HIS D 137 -34.47 7.63 47.72
C HIS D 137 -33.05 7.09 47.59
N THR D 138 -32.12 7.87 47.03
CA THR D 138 -30.80 7.34 46.69
C THR D 138 -29.63 8.10 47.31
N GLN D 139 -29.87 9.29 47.89
CA GLN D 139 -28.82 10.18 48.37
C GLN D 139 -27.91 10.68 47.25
N LYS D 140 -28.39 10.61 46.01
CA LYS D 140 -27.70 11.16 44.85
C LYS D 140 -28.66 12.07 44.11
N ALA D 141 -28.12 12.82 43.14
CA ALA D 141 -28.88 13.81 42.41
C ALA D 141 -28.39 13.83 40.97
N THR D 142 -29.32 13.68 40.02
CA THR D 142 -29.00 13.59 38.60
C THR D 142 -29.55 14.83 37.90
N LEU D 143 -28.65 15.73 37.50
CA LEU D 143 -29.01 16.82 36.60
C LEU D 143 -29.03 16.27 35.17
N VAL D 144 -29.97 16.79 34.37
CA VAL D 144 -30.11 16.38 32.98
C VAL D 144 -30.00 17.61 32.10
N CYS D 145 -29.22 17.51 31.02
CA CYS D 145 -29.08 18.59 30.06
C CYS D 145 -29.64 18.15 28.72
N LEU D 146 -30.46 19.01 28.11
CA LEU D 146 -31.07 18.75 26.82
C LEU D 146 -30.67 19.86 25.86
N ALA D 147 -30.05 19.49 24.75
CA ALA D 147 -29.82 20.39 23.63
C ALA D 147 -30.79 20.01 22.51
N THR D 148 -31.51 20.99 21.98
CA THR D 148 -32.58 20.72 21.03
C THR D 148 -32.51 21.69 19.86
N GLY D 149 -33.01 21.21 18.71
CA GLY D 149 -33.30 22.06 17.57
C GLY D 149 -32.16 22.36 16.64
N PHE D 150 -31.02 21.67 16.76
CA PHE D 150 -29.84 22.02 15.99
C PHE D 150 -29.73 21.16 14.73
N TYR D 151 -29.11 21.74 13.69
CA TYR D 151 -28.83 21.12 12.40
C TYR D 151 -27.61 21.83 11.82
N PRO D 152 -26.58 21.09 11.39
CA PRO D 152 -26.47 19.63 11.48
C PRO D 152 -26.10 19.15 12.87
N ASP D 153 -25.54 17.94 12.98
CA ASP D 153 -25.34 17.29 14.27
C ASP D 153 -23.91 17.42 14.78
N HIS D 154 -23.19 18.47 14.37
CA HIS D 154 -21.83 18.71 14.85
C HIS D 154 -21.93 19.43 16.20
N VAL D 155 -22.02 18.65 17.28
CA VAL D 155 -22.11 19.21 18.62
C VAL D 155 -21.17 18.47 19.55
N GLU D 156 -20.66 19.19 20.56
CA GLU D 156 -19.85 18.62 21.63
C GLU D 156 -20.39 19.13 22.96
N LEU D 157 -20.81 18.21 23.82
CA LEU D 157 -21.41 18.57 25.10
C LEU D 157 -20.41 18.38 26.24
N SER D 158 -20.45 19.28 27.22
CA SER D 158 -19.58 19.20 28.37
C SER D 158 -20.30 19.77 29.59
N TRP D 159 -19.81 19.39 30.77
CA TRP D 159 -20.33 19.84 32.05
C TRP D 159 -19.25 20.64 32.76
N TRP D 160 -19.65 21.77 33.34
CA TRP D 160 -18.74 22.66 34.06
C TRP D 160 -19.31 22.91 35.45
N VAL D 161 -18.66 22.35 36.46
CA VAL D 161 -19.01 22.56 37.85
C VAL D 161 -18.04 23.58 38.42
N ASN D 162 -18.58 24.65 39.00
CA ASN D 162 -17.80 25.71 39.63
C ASN D 162 -16.75 26.27 38.66
N GLY D 163 -17.12 26.37 37.39
CA GLY D 163 -16.25 26.91 36.37
C GLY D 163 -15.18 25.99 35.87
N LYS D 164 -15.15 24.73 36.30
CA LYS D 164 -14.18 23.76 35.82
C LYS D 164 -14.89 22.58 35.18
N GLU D 165 -14.37 22.13 34.04
CA GLU D 165 -14.98 21.02 33.33
C GLU D 165 -14.82 19.73 34.13
N VAL D 166 -15.90 18.95 34.19
CA VAL D 166 -15.91 17.70 34.94
C VAL D 166 -16.23 16.56 33.99
N HIS D 167 -15.68 15.39 34.30
CA HIS D 167 -15.93 14.17 33.53
C HIS D 167 -16.49 13.04 34.38
N SER D 168 -16.11 12.95 35.65
CA SER D 168 -16.67 11.95 36.55
C SER D 168 -18.15 12.23 36.79
N GLY D 169 -18.96 11.17 36.74
CA GLY D 169 -20.39 11.28 36.96
C GLY D 169 -21.21 11.69 35.76
N VAL D 170 -20.63 11.69 34.56
CA VAL D 170 -21.26 12.23 33.35
C VAL D 170 -21.56 11.09 32.38
N CYS D 171 -22.70 11.18 31.71
CA CYS D 171 -23.00 10.31 30.56
C CYS D 171 -23.71 11.12 29.50
N THR D 172 -23.12 11.18 28.30
CA THR D 172 -23.76 11.83 27.16
C THR D 172 -24.12 10.78 26.13
N ASP D 173 -25.24 10.99 25.45
CA ASP D 173 -25.61 10.08 24.37
C ASP D 173 -24.47 10.00 23.36
N PRO D 174 -24.14 8.81 22.86
CA PRO D 174 -23.09 8.71 21.84
C PRO D 174 -23.38 9.56 20.61
N GLN D 175 -24.61 9.51 20.11
CA GLN D 175 -25.00 10.25 18.91
C GLN D 175 -26.38 10.86 19.12
N PRO D 176 -26.62 12.04 18.54
CA PRO D 176 -27.92 12.68 18.70
C PRO D 176 -29.02 11.91 18.00
N LEU D 177 -30.26 12.22 18.37
CA LEU D 177 -31.43 11.65 17.72
C LEU D 177 -32.12 12.71 16.87
N LYS D 178 -32.95 12.24 15.94
CA LYS D 178 -33.67 13.12 15.04
C LYS D 178 -34.99 13.55 15.69
N GLU D 179 -35.25 14.86 15.69
CA GLU D 179 -36.50 15.35 16.25
C GLU D 179 -37.69 15.01 15.35
N GLN D 180 -37.45 14.91 14.04
CA GLN D 180 -38.47 14.53 13.07
C GLN D 180 -37.90 13.36 12.27
N PRO D 181 -37.93 12.14 12.84
CA PRO D 181 -37.16 11.03 12.24
C PRO D 181 -37.53 10.72 10.80
N ALA D 182 -38.74 11.08 10.35
CA ALA D 182 -39.15 10.78 8.99
C ALA D 182 -38.72 11.84 7.98
N LEU D 183 -38.41 13.04 8.43
CA LEU D 183 -38.16 14.17 7.54
C LEU D 183 -36.68 14.29 7.21
N ASN D 184 -36.39 14.52 5.92
CA ASN D 184 -35.04 14.89 5.52
C ASN D 184 -34.77 16.33 5.96
N ASP D 185 -33.52 16.59 6.35
CA ASP D 185 -33.11 17.85 6.98
C ASP D 185 -33.71 18.01 8.38
N SER D 186 -33.90 16.90 9.10
CA SER D 186 -34.48 16.96 10.42
C SER D 186 -33.49 17.53 11.43
N ARG D 187 -34.00 18.31 12.36
CA ARG D 187 -33.16 18.85 13.42
C ARG D 187 -32.98 17.83 14.53
N TYR D 188 -32.00 18.09 15.40
CA TYR D 188 -31.49 17.08 16.31
C TYR D 188 -31.63 17.49 17.77
N ALA D 189 -31.53 16.49 18.64
CA ALA D 189 -31.51 16.70 20.08
C ALA D 189 -30.48 15.75 20.69
N LEU D 190 -29.95 16.16 21.84
CA LEU D 190 -28.91 15.42 22.54
C LEU D 190 -29.13 15.59 24.04
N SER D 191 -28.99 14.48 24.78
CA SER D 191 -29.21 14.46 26.21
C SER D 191 -27.94 14.03 26.93
N SER D 192 -27.74 14.59 28.12
CA SER D 192 -26.61 14.22 28.97
C SER D 192 -27.06 14.25 30.41
N ARG D 193 -26.39 13.46 31.24
CA ARG D 193 -26.68 13.40 32.67
C ARG D 193 -25.39 13.64 33.45
N LEU D 194 -25.54 14.33 34.58
CA LEU D 194 -24.45 14.53 35.54
C LEU D 194 -24.98 14.17 36.92
N ARG D 195 -24.38 13.18 37.55
CA ARG D 195 -24.81 12.72 38.86
C ARG D 195 -23.80 13.13 39.93
N VAL D 196 -24.30 13.80 40.96
CA VAL D 196 -23.48 14.19 42.11
C VAL D 196 -24.19 13.70 43.37
N SER D 197 -23.53 13.89 44.51
CA SER D 197 -24.15 13.53 45.77
C SER D 197 -25.24 14.54 46.12
N ALA D 198 -26.25 14.06 46.85
CA ALA D 198 -27.35 14.93 47.24
C ALA D 198 -26.87 16.12 48.06
N THR D 199 -25.84 15.92 48.89
CA THR D 199 -25.28 17.02 49.65
C THR D 199 -24.58 18.03 48.75
N PHE D 200 -23.84 17.55 47.75
CA PHE D 200 -23.20 18.44 46.80
C PHE D 200 -24.23 19.28 46.05
N TRP D 201 -25.38 18.69 45.73
CA TRP D 201 -26.44 19.45 45.08
C TRP D 201 -27.12 20.42 46.04
N GLN D 202 -27.23 20.05 47.32
CA GLN D 202 -27.96 20.89 48.26
C GLN D 202 -27.19 22.17 48.61
N ASN D 203 -25.87 22.13 48.52
CA ASN D 203 -25.04 23.32 48.70
C ASN D 203 -25.41 24.33 47.63
N PRO D 204 -25.99 25.48 48.00
CA PRO D 204 -26.46 26.43 47.00
C PRO D 204 -25.38 27.29 46.37
N ARG D 205 -24.12 27.08 46.73
CA ARG D 205 -23.03 27.84 46.13
C ARG D 205 -22.34 27.11 45.00
N ASN D 206 -22.53 25.80 44.91
CA ASN D 206 -22.02 25.04 43.77
C ASN D 206 -22.77 25.46 42.51
N HIS D 207 -22.03 25.62 41.43
CA HIS D 207 -22.55 26.10 40.16
C HIS D 207 -22.48 24.98 39.13
N PHE D 208 -23.55 24.79 38.36
CA PHE D 208 -23.58 23.77 37.32
C PHE D 208 -23.91 24.42 36.00
N ARG D 209 -23.12 24.14 34.97
CA ARG D 209 -23.38 24.64 33.63
C ARG D 209 -23.23 23.51 32.62
N CYS D 210 -24.24 23.35 31.76
CA CYS D 210 -24.14 22.49 30.60
C CYS D 210 -23.78 23.34 29.39
N GLN D 211 -22.70 22.96 28.71
CA GLN D 211 -22.18 23.71 27.56
C GLN D 211 -22.24 22.84 26.32
N VAL D 212 -22.70 23.41 25.21
CA VAL D 212 -22.77 22.73 23.93
C VAL D 212 -22.06 23.58 22.91
N GLN D 213 -20.96 23.05 22.37
CA GLN D 213 -20.25 23.67 21.25
C GLN D 213 -20.88 23.18 19.96
N PHE D 214 -21.33 24.13 19.14
CA PHE D 214 -22.00 23.86 17.88
C PHE D 214 -21.13 24.36 16.74
N TYR D 215 -20.97 23.53 15.71
CA TYR D 215 -20.20 23.87 14.54
C TYR D 215 -21.17 24.14 13.39
N GLY D 216 -21.16 25.36 12.88
CA GLY D 216 -22.08 25.74 11.82
C GLY D 216 -21.44 26.63 10.77
N LEU D 217 -22.11 27.73 10.45
CA LEU D 217 -21.59 28.66 9.45
C LEU D 217 -20.35 29.37 9.99
N SER D 218 -19.50 29.81 9.07
CA SER D 218 -18.42 30.70 9.45
C SER D 218 -18.94 32.12 9.55
N GLU D 219 -18.22 32.95 10.31
CA GLU D 219 -18.55 34.37 10.36
C GLU D 219 -18.42 35.02 8.99
N ASN D 220 -17.63 34.43 8.10
CA ASN D 220 -17.41 34.95 6.76
C ASN D 220 -18.30 34.30 5.71
N ASP D 221 -19.29 33.53 6.12
CA ASP D 221 -20.26 33.00 5.17
C ASP D 221 -21.32 34.06 4.86
N GLU D 222 -22.00 33.88 3.74
CA GLU D 222 -23.05 34.81 3.37
C GLU D 222 -24.34 34.46 4.11
N TRP D 223 -25.16 35.48 4.34
CA TRP D 223 -26.42 35.30 5.08
C TRP D 223 -27.39 36.40 4.68
N THR D 224 -28.52 36.01 4.08
CA THR D 224 -29.56 36.95 3.69
C THR D 224 -30.84 36.78 4.49
N GLN D 225 -30.83 35.93 5.52
CA GLN D 225 -32.04 35.63 6.28
C GLN D 225 -32.20 36.59 7.45
N ASP D 226 -33.42 36.64 7.98
CA ASP D 226 -33.76 37.59 9.03
C ASP D 226 -33.10 37.20 10.36
N ARG D 227 -33.19 35.92 10.72
CA ARG D 227 -32.65 35.49 12.01
C ARG D 227 -31.14 35.64 12.03
N ALA D 228 -30.56 35.45 13.22
CA ALA D 228 -29.12 35.56 13.37
C ALA D 228 -28.41 34.51 12.53
N LYS D 229 -27.21 34.87 12.07
CA LYS D 229 -26.41 33.95 11.28
C LYS D 229 -26.00 32.75 12.12
N PRO D 230 -26.43 31.54 11.78
CA PRO D 230 -26.13 30.38 12.63
C PRO D 230 -24.66 29.96 12.56
N VAL D 231 -23.80 30.69 13.26
CA VAL D 231 -22.36 30.46 13.18
C VAL D 231 -21.94 29.40 14.19
N THR D 232 -20.70 28.94 14.08
CA THR D 232 -20.09 28.13 15.13
C THR D 232 -20.10 28.91 16.44
N GLN D 233 -20.65 28.31 17.49
CA GLN D 233 -20.86 29.06 18.72
C GLN D 233 -20.90 28.09 19.89
N ILE D 234 -21.09 28.65 21.09
CA ILE D 234 -21.30 27.88 22.31
C ILE D 234 -22.59 28.35 22.94
N VAL D 235 -23.47 27.41 23.24
CA VAL D 235 -24.73 27.70 23.92
C VAL D 235 -24.73 26.95 25.25
N SER D 236 -25.13 27.63 26.32
CA SER D 236 -25.04 27.06 27.65
C SER D 236 -26.34 27.26 28.41
N ALA D 237 -26.59 26.34 29.34
CA ALA D 237 -27.62 26.50 30.35
C ALA D 237 -26.97 26.25 31.71
N GLU D 238 -27.60 26.73 32.77
CA GLU D 238 -26.97 26.60 34.08
C GLU D 238 -28.02 26.50 35.17
N ALA D 239 -27.54 26.17 36.38
CA ALA D 239 -28.37 26.02 37.56
C ALA D 239 -27.50 26.12 38.80
N TRP D 240 -28.14 26.54 39.90
CA TRP D 240 -27.50 26.65 41.20
C TRP D 240 -28.13 25.65 42.15
N GLY D 241 -27.31 25.10 43.05
CA GLY D 241 -27.81 24.17 44.04
C GLY D 241 -28.78 24.83 45.00
N ARG D 242 -29.44 23.99 45.79
CA ARG D 242 -30.44 24.44 46.74
C ARG D 242 -30.85 23.27 47.62
N ALA D 243 -31.33 23.60 48.82
CA ALA D 243 -31.83 22.60 49.77
C ALA D 243 -33.25 22.16 49.47
N ASP D 244 -33.62 22.07 48.19
CA ASP D 244 -34.98 21.71 47.80
C ASP D 244 -34.99 20.82 46.56
N ASP E 3 -11.55 -8.01 -1.46
CA ASP E 3 -10.30 -7.81 -0.72
C ASP E 3 -10.46 -8.21 0.75
N ALA E 4 -11.57 -7.79 1.36
CA ALA E 4 -11.82 -8.09 2.77
C ALA E 4 -11.84 -9.60 2.99
N LYS E 5 -11.09 -10.05 4.01
CA LYS E 5 -10.75 -11.45 4.14
C LYS E 5 -11.11 -12.08 5.48
N THR E 6 -11.82 -11.37 6.35
CA THR E 6 -12.06 -11.85 7.71
C THR E 6 -13.55 -11.86 8.02
N THR E 7 -13.92 -12.69 8.99
CA THR E 7 -15.30 -12.74 9.49
C THR E 7 -15.29 -12.63 11.00
N GLN E 8 -16.29 -11.94 11.54
CA GLN E 8 -16.41 -11.67 12.96
C GLN E 8 -17.87 -11.71 13.36
N PRO E 9 -18.17 -12.01 14.62
CA PRO E 9 -19.56 -11.89 15.09
C PRO E 9 -19.99 -10.43 15.08
N PRO E 10 -21.17 -10.13 14.54
CA PRO E 10 -21.60 -8.72 14.46
C PRO E 10 -21.66 -8.03 15.80
N SER E 11 -21.95 -8.76 16.89
CA SER E 11 -22.04 -8.14 18.20
C SER E 11 -21.57 -9.12 19.25
N MET E 12 -21.27 -8.58 20.44
CA MET E 12 -20.77 -9.37 21.56
C MET E 12 -20.83 -8.52 22.81
N ASP E 13 -21.30 -9.12 23.91
CA ASP E 13 -21.33 -8.46 25.20
C ASP E 13 -20.18 -8.98 26.08
N CYS E 14 -19.82 -8.16 27.07
CA CYS E 14 -18.80 -8.54 28.04
C CYS E 14 -19.09 -7.84 29.35
N ALA E 15 -18.73 -8.51 30.44
CA ALA E 15 -18.88 -7.93 31.77
C ALA E 15 -17.67 -7.09 32.11
N GLU E 16 -17.91 -5.91 32.69
CA GLU E 16 -16.83 -5.03 33.10
C GLU E 16 -15.90 -5.76 34.06
N GLY E 17 -14.60 -5.54 33.90
CA GLY E 17 -13.59 -6.19 34.70
C GLY E 17 -13.24 -7.60 34.27
N ARG E 18 -14.07 -8.23 33.43
CA ARG E 18 -13.80 -9.57 32.95
C ARG E 18 -13.06 -9.52 31.61
N ALA E 19 -12.69 -10.69 31.10
CA ALA E 19 -11.89 -10.81 29.89
C ALA E 19 -12.79 -10.94 28.68
N ALA E 20 -12.51 -10.15 27.64
CA ALA E 20 -13.29 -10.19 26.41
C ALA E 20 -12.51 -10.97 25.36
N ASN E 21 -13.13 -12.02 24.81
CA ASN E 21 -12.56 -12.86 23.77
C ASN E 21 -13.30 -12.60 22.47
N LEU E 22 -12.66 -11.89 21.56
CA LEU E 22 -13.25 -11.50 20.29
C LEU E 22 -12.69 -12.39 19.20
N PRO E 23 -13.47 -13.31 18.63
CA PRO E 23 -12.93 -14.23 17.64
C PRO E 23 -12.90 -13.61 16.25
N CYS E 24 -12.10 -14.24 15.38
CA CYS E 24 -11.96 -13.81 14.00
C CYS E 24 -11.57 -15.02 13.17
N ASN E 25 -12.18 -15.14 12.00
CA ASN E 25 -11.86 -16.22 11.06
C ASN E 25 -11.24 -15.63 9.81
N HIS E 26 -10.11 -16.21 9.38
CA HIS E 26 -9.43 -15.83 8.15
C HIS E 26 -8.85 -17.11 7.54
N SER E 27 -9.76 -17.95 7.03
CA SER E 27 -9.36 -19.25 6.49
C SER E 27 -8.42 -19.12 5.30
N THR E 28 -8.56 -18.05 4.51
CA THR E 28 -7.81 -17.87 3.28
C THR E 28 -6.51 -17.10 3.46
N ILE E 29 -6.09 -16.86 4.70
CA ILE E 29 -4.88 -16.08 4.93
C ILE E 29 -3.69 -16.77 4.27
N SER E 30 -2.71 -15.97 3.85
CA SER E 30 -1.50 -16.46 3.22
C SER E 30 -0.32 -16.30 4.16
N GLY E 31 0.79 -16.93 3.79
CA GLY E 31 1.94 -17.01 4.70
C GLY E 31 2.47 -15.64 5.08
N ASN E 32 2.63 -14.75 4.11
CA ASN E 32 3.20 -13.43 4.34
C ASN E 32 2.15 -12.37 4.64
N GLU E 33 1.00 -12.75 5.18
CA GLU E 33 -0.04 -11.80 5.55
C GLU E 33 -0.15 -11.71 7.07
N TYR E 34 -0.22 -10.48 7.56
CA TYR E 34 -0.36 -10.20 8.98
C TYR E 34 -1.83 -10.09 9.37
N VAL E 35 -2.12 -10.35 10.64
CA VAL E 35 -3.45 -10.15 11.21
C VAL E 35 -3.36 -8.92 12.11
N TYR E 36 -4.19 -7.92 11.81
CA TYR E 36 -4.26 -6.67 12.55
C TYR E 36 -5.61 -6.56 13.24
N TRP E 37 -5.62 -5.84 14.37
CA TRP E 37 -6.82 -5.55 15.13
C TRP E 37 -6.82 -4.07 15.46
N TYR E 38 -7.88 -3.38 15.00
CA TYR E 38 -8.18 -1.98 15.27
C TYR E 38 -9.51 -1.89 16.00
N ARG E 39 -9.77 -0.73 16.59
CA ARG E 39 -11.09 -0.45 17.16
C ARG E 39 -11.45 1.00 16.90
N GLN E 40 -12.75 1.26 16.91
CA GLN E 40 -13.31 2.59 16.69
C GLN E 40 -14.34 2.90 17.76
N ILE E 41 -14.22 4.10 18.33
CA ILE E 41 -15.08 4.60 19.39
C ILE E 41 -15.75 5.86 18.87
N HIS E 42 -17.07 5.92 18.93
CA HIS E 42 -17.85 7.13 18.64
C HIS E 42 -17.40 7.80 17.35
N SER E 43 -17.20 6.99 16.30
CA SER E 43 -16.83 7.48 14.98
C SER E 43 -15.49 8.22 14.96
N GLN E 44 -14.78 8.27 16.09
CA GLN E 44 -13.44 8.83 16.09
C GLN E 44 -12.51 8.02 15.18
N GLY E 45 -11.29 8.51 15.02
CA GLY E 45 -10.32 7.87 14.18
C GLY E 45 -10.03 6.46 14.65
N PRO E 46 -10.07 5.51 13.73
CA PRO E 46 -9.73 4.13 14.09
C PRO E 46 -8.38 4.07 14.78
N GLN E 47 -8.28 3.22 15.79
CA GLN E 47 -7.11 3.13 16.64
C GLN E 47 -6.47 1.77 16.49
N TYR E 48 -5.15 1.77 16.26
CA TYR E 48 -4.41 0.52 16.18
C TYR E 48 -4.38 -0.14 17.55
N ILE E 49 -4.59 -1.45 17.57
CA ILE E 49 -4.52 -2.20 18.82
C ILE E 49 -3.33 -3.13 18.77
N ILE E 50 -3.37 -4.14 17.89
CA ILE E 50 -2.30 -5.13 17.87
C ILE E 50 -2.22 -5.79 16.50
N HIS E 51 -1.07 -6.35 16.17
CA HIS E 51 -0.93 -7.17 14.98
C HIS E 51 0.04 -8.30 15.26
N GLY E 52 -0.05 -9.32 14.42
CA GLY E 52 0.73 -10.52 14.62
C GLY E 52 0.83 -11.33 13.33
N LEU E 53 1.84 -12.19 13.30
CA LEU E 53 2.09 -13.04 12.13
C LEU E 53 1.70 -14.49 12.41
N LYS E 54 2.32 -15.12 13.41
CA LYS E 54 2.02 -16.51 13.73
C LYS E 54 2.04 -16.73 15.22
N ASN E 55 3.03 -16.14 15.89
CA ASN E 55 3.19 -16.33 17.33
C ASN E 55 2.29 -15.37 18.10
N ASN E 56 1.77 -15.84 19.23
CA ASN E 56 0.94 -15.01 20.08
C ASN E 56 1.64 -13.71 20.41
N GLU E 57 0.86 -12.63 20.50
CA GLU E 57 1.41 -11.32 20.80
C GLU E 57 0.58 -10.67 21.90
N THR E 58 1.27 -9.95 22.79
CA THR E 58 0.63 -9.25 23.89
C THR E 58 1.31 -7.90 24.06
N ASN E 59 0.54 -6.89 24.44
CA ASN E 59 1.07 -5.57 24.72
C ASN E 59 0.19 -4.89 25.76
N GLU E 60 0.36 -3.59 25.94
CA GLU E 60 -0.35 -2.85 26.97
C GLU E 60 -1.81 -2.56 26.61
N MET E 61 -2.34 -3.21 25.58
CA MET E 61 -3.76 -3.05 25.24
C MET E 61 -4.50 -4.38 25.16
N ALA E 62 -3.89 -5.42 24.62
CA ALA E 62 -4.59 -6.68 24.40
C ALA E 62 -3.58 -7.78 24.14
N SER E 63 -4.10 -8.99 23.91
CA SER E 63 -3.32 -10.13 23.46
C SER E 63 -3.93 -10.67 22.19
N LEU E 64 -3.08 -11.19 21.31
CA LEU E 64 -3.51 -11.76 20.04
C LEU E 64 -3.10 -13.22 19.99
N ILE E 65 -4.07 -14.11 19.82
CA ILE E 65 -3.82 -15.54 19.80
C ILE E 65 -4.18 -16.06 18.41
N ILE E 66 -3.17 -16.52 17.67
CA ILE E 66 -3.36 -17.07 16.33
C ILE E 66 -3.16 -18.58 16.41
N THR E 67 -4.12 -19.33 15.86
CA THR E 67 -4.06 -20.78 15.90
C THR E 67 -2.82 -21.28 15.16
N GLU E 68 -2.57 -22.59 15.29
CA GLU E 68 -1.41 -23.18 14.64
C GLU E 68 -1.52 -23.09 13.12
N ASP E 69 -2.70 -23.39 12.58
CA ASP E 69 -2.92 -23.31 11.13
C ASP E 69 -3.24 -21.90 10.67
N ARG E 70 -3.17 -20.91 11.55
CA ARG E 70 -3.33 -19.49 11.25
C ARG E 70 -4.65 -19.16 10.56
N LYS E 71 -5.62 -20.09 10.58
CA LYS E 71 -6.88 -19.87 9.90
C LYS E 71 -7.89 -19.10 10.75
N SER E 72 -7.60 -18.86 12.02
CA SER E 72 -8.46 -18.08 12.88
C SER E 72 -7.64 -17.55 14.04
N SER E 73 -8.19 -16.54 14.72
CA SER E 73 -7.48 -15.88 15.80
C SER E 73 -8.50 -15.34 16.81
N THR E 74 -7.96 -14.83 17.92
CA THR E 74 -8.76 -14.25 18.99
C THR E 74 -8.04 -13.05 19.57
N LEU E 75 -8.74 -11.93 19.65
CA LEU E 75 -8.27 -10.77 20.40
C LEU E 75 -8.77 -10.88 21.83
N ILE E 76 -7.88 -10.68 22.79
CA ILE E 76 -8.20 -10.86 24.21
C ILE E 76 -7.95 -9.52 24.89
N LEU E 77 -9.02 -8.90 25.34
CA LEU E 77 -8.81 -7.82 26.31
C LEU E 77 -8.86 -8.42 27.71
N PRO E 78 -7.88 -8.10 28.55
CA PRO E 78 -7.71 -8.81 29.81
C PRO E 78 -8.79 -8.53 30.83
N HIS E 79 -8.88 -7.28 31.24
CA HIS E 79 -9.91 -6.80 32.17
C HIS E 79 -10.61 -5.67 31.42
N ALA E 80 -11.69 -6.01 30.73
CA ALA E 80 -12.39 -5.04 29.89
C ALA E 80 -12.99 -3.92 30.75
N THR E 81 -12.70 -2.69 30.38
CA THR E 81 -13.25 -1.52 31.03
C THR E 81 -14.41 -0.97 30.21
N LEU E 82 -15.09 0.03 30.77
CA LEU E 82 -16.20 0.64 30.04
C LEU E 82 -15.70 1.38 28.80
N ARG E 83 -14.45 1.84 28.82
CA ARG E 83 -13.89 2.54 27.66
C ARG E 83 -13.77 1.63 26.46
N ASP E 84 -13.52 0.34 26.68
CA ASP E 84 -13.32 -0.62 25.59
C ASP E 84 -14.60 -0.94 24.82
N THR E 85 -15.71 -0.28 25.13
CA THR E 85 -16.93 -0.42 24.34
C THR E 85 -16.73 0.25 22.99
N ALA E 86 -16.78 -0.52 21.91
CA ALA E 86 -16.35 0.01 20.61
C ALA E 86 -16.57 -1.05 19.54
N VAL E 87 -16.31 -0.67 18.29
CA VAL E 87 -16.34 -1.62 17.18
C VAL E 87 -14.92 -2.10 16.92
N TYR E 88 -14.75 -3.41 16.74
CA TYR E 88 -13.44 -4.03 16.64
C TYR E 88 -13.29 -4.70 15.28
N TYR E 89 -12.31 -4.25 14.51
CA TYR E 89 -12.08 -4.74 13.16
C TYR E 89 -10.82 -5.60 13.14
N CYS E 90 -10.97 -6.82 12.62
CA CYS E 90 -9.88 -7.77 12.41
C CYS E 90 -9.60 -7.80 10.91
N ILE E 91 -8.43 -7.31 10.51
CA ILE E 91 -8.10 -7.06 9.11
C ILE E 91 -6.80 -7.78 8.75
N VAL E 92 -6.77 -8.41 7.60
CA VAL E 92 -5.55 -9.02 7.09
C VAL E 92 -4.80 -7.99 6.26
N ARG E 93 -3.47 -7.96 6.37
CA ARG E 93 -2.66 -6.97 5.66
C ARG E 93 -1.41 -7.64 5.12
N GLY E 94 -1.24 -7.60 3.79
CA GLY E 94 -0.12 -8.24 3.14
C GLY E 94 1.11 -7.35 3.06
N LEU E 95 2.17 -7.91 2.47
CA LEU E 95 3.47 -7.27 2.42
C LEU E 95 3.81 -6.68 1.06
N ASN E 96 2.83 -6.53 0.17
CA ASN E 96 3.03 -5.84 -1.09
C ASN E 96 1.97 -4.75 -1.23
N ASN E 97 2.08 -3.97 -2.32
CA ASN E 97 1.18 -2.84 -2.51
C ASN E 97 -0.28 -3.27 -2.64
N ALA E 98 -0.52 -4.47 -3.19
CA ALA E 98 -1.89 -4.92 -3.37
C ALA E 98 -2.60 -5.13 -2.04
N GLY E 99 -1.89 -5.61 -1.03
CA GLY E 99 -2.50 -5.87 0.26
C GLY E 99 -1.92 -5.05 1.39
N ASN E 100 -1.36 -3.88 1.07
CA ASN E 100 -0.80 -3.01 2.10
C ASN E 100 -1.86 -2.17 2.81
N MET E 101 -3.02 -1.99 2.20
CA MET E 101 -4.07 -1.16 2.79
C MET E 101 -5.05 -2.02 3.58
N LEU E 102 -5.73 -1.39 4.53
CA LEU E 102 -6.75 -2.04 5.34
C LEU E 102 -8.10 -1.96 4.63
N THR E 103 -8.76 -3.11 4.51
CA THR E 103 -10.12 -3.18 4.01
C THR E 103 -11.02 -3.65 5.15
N PHE E 104 -11.93 -2.79 5.59
CA PHE E 104 -12.70 -3.02 6.79
C PHE E 104 -13.92 -3.88 6.47
N GLY E 105 -14.13 -4.92 7.27
CA GLY E 105 -15.31 -5.75 7.19
C GLY E 105 -16.38 -5.30 8.16
N GLY E 106 -17.23 -6.24 8.57
CA GLY E 106 -18.32 -5.89 9.47
C GLY E 106 -17.85 -5.46 10.84
N GLY E 107 -16.80 -6.09 11.36
CA GLY E 107 -16.36 -5.83 12.71
C GLY E 107 -17.25 -6.47 13.75
N THR E 108 -16.86 -6.32 15.02
CA THR E 108 -17.64 -6.81 16.15
C THR E 108 -17.90 -5.65 17.09
N ARG E 109 -19.17 -5.36 17.33
CA ARG E 109 -19.56 -4.26 18.21
C ARG E 109 -19.61 -4.78 19.64
N LEU E 110 -18.61 -4.40 20.44
CA LEU E 110 -18.45 -4.89 21.79
C LEU E 110 -19.04 -3.89 22.77
N MET E 111 -20.05 -4.34 23.52
CA MET E 111 -20.66 -3.60 24.62
C MET E 111 -20.07 -4.12 25.93
N VAL E 112 -19.38 -3.26 26.66
CA VAL E 112 -18.91 -3.58 28.00
C VAL E 112 -19.95 -3.08 28.99
N LYS E 113 -20.58 -4.03 29.69
CA LYS E 113 -21.67 -3.70 30.59
C LYS E 113 -21.23 -3.85 32.03
N PRO E 114 -21.54 -2.87 32.89
CA PRO E 114 -21.11 -2.95 34.28
C PRO E 114 -22.01 -3.87 35.10
N ASP E 115 -21.43 -4.41 36.17
CA ASP E 115 -22.12 -5.38 37.02
C ASP E 115 -22.73 -4.64 38.20
N ILE E 116 -23.96 -4.17 38.00
CA ILE E 116 -24.70 -3.42 39.02
C ILE E 116 -24.99 -4.34 40.20
N GLN E 117 -24.27 -4.15 41.31
CA GLN E 117 -24.43 -5.03 42.46
C GLN E 117 -25.82 -4.90 43.07
N ASN E 118 -26.29 -3.66 43.25
CA ASN E 118 -27.56 -3.39 43.93
C ASN E 118 -28.45 -2.55 43.03
N PRO E 119 -29.15 -3.17 42.08
CA PRO E 119 -30.07 -2.42 41.23
C PRO E 119 -31.18 -1.76 42.04
N ASP E 120 -31.55 -0.55 41.61
CA ASP E 120 -32.65 0.20 42.23
C ASP E 120 -33.46 0.89 41.14
N PRO E 121 -34.09 0.12 40.26
CA PRO E 121 -34.73 0.72 39.08
C PRO E 121 -35.81 1.72 39.47
N ALA E 122 -35.74 2.91 38.89
CA ALA E 122 -36.71 3.95 39.23
C ALA E 122 -36.90 4.89 38.06
N VAL E 123 -38.02 5.62 38.08
CA VAL E 123 -38.35 6.61 37.06
C VAL E 123 -38.67 7.91 37.80
N TYR E 124 -37.75 8.87 37.75
CA TYR E 124 -37.95 10.18 38.36
C TYR E 124 -38.33 11.20 37.30
N GLN E 125 -38.94 12.29 37.75
CA GLN E 125 -39.32 13.39 36.87
C GLN E 125 -38.63 14.66 37.30
N LEU E 126 -38.10 15.40 36.33
CA LEU E 126 -37.18 16.50 36.57
C LEU E 126 -37.73 17.77 35.94
N ARG E 127 -37.77 18.82 36.75
CA ARG E 127 -38.36 20.09 36.38
C ARG E 127 -37.33 20.98 35.70
N ASP E 128 -37.79 21.78 34.74
CA ASP E 128 -36.88 22.64 34.00
C ASP E 128 -36.41 23.77 34.91
N SER E 129 -35.13 24.14 34.79
CA SER E 129 -34.57 25.23 35.59
C SER E 129 -35.11 26.58 35.13
N LYS E 130 -35.19 26.78 33.80
CA LYS E 130 -35.95 27.87 33.20
C LYS E 130 -37.43 27.74 33.51
N SER E 131 -37.90 26.50 33.67
CA SER E 131 -39.29 26.13 33.98
C SER E 131 -40.27 26.74 32.97
N SER E 132 -40.35 26.12 31.79
CA SER E 132 -41.32 26.48 30.76
C SER E 132 -42.51 25.52 30.73
N ASP E 133 -42.82 24.89 31.86
CA ASP E 133 -43.78 23.79 31.97
C ASP E 133 -43.31 22.57 31.18
N LYS E 134 -42.01 22.46 30.95
CA LYS E 134 -41.37 21.31 30.31
C LYS E 134 -40.60 20.52 31.36
N SER E 135 -40.62 19.19 31.23
CA SER E 135 -39.94 18.32 32.19
C SER E 135 -39.29 17.17 31.44
N VAL E 136 -38.51 16.38 32.18
CA VAL E 136 -37.77 15.26 31.62
C VAL E 136 -37.94 14.05 32.53
N CYS E 137 -38.10 12.87 31.93
CA CYS E 137 -38.18 11.62 32.67
C CYS E 137 -36.81 10.94 32.67
N LEU E 138 -36.38 10.48 33.84
CA LEU E 138 -35.10 9.80 34.02
C LEU E 138 -35.36 8.40 34.55
N PHE E 139 -35.12 7.39 33.71
CA PHE E 139 -35.19 6.00 34.12
C PHE E 139 -33.78 5.57 34.50
N THR E 140 -33.54 5.36 35.79
CA THR E 140 -32.18 5.18 36.26
C THR E 140 -32.07 4.02 37.24
N ASP E 141 -30.83 3.57 37.43
CA ASP E 141 -30.41 2.56 38.40
C ASP E 141 -30.93 1.18 38.08
N PHE E 142 -31.30 0.92 36.83
CA PHE E 142 -31.66 -0.44 36.44
C PHE E 142 -30.40 -1.26 36.18
N ASP E 143 -30.59 -2.57 36.07
CA ASP E 143 -29.48 -3.48 35.90
C ASP E 143 -29.10 -3.58 34.42
N SER E 144 -27.80 -3.70 34.16
CA SER E 144 -27.25 -3.56 32.80
C SER E 144 -27.93 -4.46 31.78
N GLN E 145 -28.67 -5.46 32.24
CA GLN E 145 -29.35 -6.43 31.39
C GLN E 145 -30.67 -5.92 30.83
N THR E 146 -30.97 -4.63 31.01
CA THR E 146 -32.25 -4.07 30.61
C THR E 146 -32.16 -3.52 29.18
N ASN E 147 -33.28 -3.58 28.48
CA ASN E 147 -33.39 -3.10 27.11
C ASN E 147 -34.33 -1.90 27.08
N VAL E 148 -33.79 -0.74 26.70
CA VAL E 148 -34.59 0.46 26.49
C VAL E 148 -34.92 0.56 25.00
N SER E 149 -36.20 0.59 24.69
CA SER E 149 -36.68 0.57 23.32
C SER E 149 -37.03 1.98 22.86
N GLN E 150 -37.14 2.14 21.54
CA GLN E 150 -37.62 3.38 20.96
C GLN E 150 -39.15 3.41 21.03
N SER E 151 -39.69 4.60 21.22
CA SER E 151 -41.13 4.75 21.22
C SER E 151 -41.69 4.59 19.81
N LYS E 152 -42.91 4.06 19.74
CA LYS E 152 -43.60 4.01 18.46
C LYS E 152 -44.00 5.41 18.01
N ASP E 153 -44.41 6.27 18.96
CA ASP E 153 -44.70 7.66 18.64
C ASP E 153 -43.43 8.38 18.20
N SER E 154 -43.59 9.22 17.18
CA SER E 154 -42.52 10.11 16.77
C SER E 154 -42.56 11.43 17.51
N ASP E 155 -43.46 11.59 18.49
CA ASP E 155 -43.60 12.81 19.26
C ASP E 155 -43.16 12.67 20.71
N VAL E 156 -42.64 11.51 21.10
CA VAL E 156 -41.97 11.36 22.38
C VAL E 156 -40.60 10.76 22.11
N TYR E 157 -39.60 11.20 22.87
CA TYR E 157 -38.21 10.86 22.61
C TYR E 157 -37.65 10.09 23.79
N ILE E 158 -37.11 8.91 23.52
CA ILE E 158 -36.37 8.12 24.50
C ILE E 158 -34.96 7.94 23.99
N THR E 159 -33.98 8.24 24.84
CA THR E 159 -32.59 8.04 24.49
C THR E 159 -32.14 6.62 24.84
N ASP E 160 -31.03 6.22 24.23
CA ASP E 160 -30.48 4.89 24.49
C ASP E 160 -29.98 4.79 25.93
N LYS E 161 -29.63 3.58 26.32
CA LYS E 161 -29.01 3.35 27.62
C LYS E 161 -27.70 4.11 27.71
N CYS E 162 -27.32 4.51 28.93
CA CYS E 162 -26.14 5.33 29.15
C CYS E 162 -25.55 5.01 30.52
N VAL E 163 -24.24 4.70 30.54
CA VAL E 163 -23.56 4.26 31.75
C VAL E 163 -22.74 5.40 32.33
N LEU E 164 -22.85 5.60 33.64
CA LEU E 164 -22.36 6.77 34.35
C LEU E 164 -21.49 6.31 35.51
N ASP E 165 -20.33 6.94 35.68
CA ASP E 165 -19.37 6.56 36.72
C ASP E 165 -19.05 7.75 37.60
N MET E 166 -19.63 7.78 38.79
CA MET E 166 -19.21 8.69 39.85
C MET E 166 -17.96 8.09 40.49
N ARG E 167 -16.80 8.64 40.13
CA ARG E 167 -15.53 8.16 40.68
C ARG E 167 -15.34 8.60 42.11
N SER E 168 -16.03 9.65 42.56
CA SER E 168 -15.93 10.08 43.94
C SER E 168 -16.47 9.02 44.90
N MET E 169 -17.27 8.08 44.41
CA MET E 169 -17.89 7.08 45.26
C MET E 169 -17.77 5.68 44.67
N ASP E 170 -16.90 5.48 43.67
CA ASP E 170 -16.77 4.23 42.93
C ASP E 170 -18.15 3.64 42.63
N PHE E 171 -19.04 4.49 42.14
CA PHE E 171 -20.42 4.11 41.89
C PHE E 171 -20.71 4.21 40.40
N LYS E 172 -21.40 3.21 39.87
CA LYS E 172 -21.78 3.20 38.46
C LYS E 172 -23.28 2.97 38.36
N SER E 173 -23.91 3.68 37.44
CA SER E 173 -25.35 3.59 37.27
C SER E 173 -25.71 3.73 35.80
N ASN E 174 -26.73 2.98 35.39
CA ASN E 174 -27.31 3.17 34.07
C ASN E 174 -28.36 4.27 34.13
N SER E 175 -28.72 4.77 32.95
CA SER E 175 -29.78 5.77 32.86
C SER E 175 -30.22 5.91 31.41
N ALA E 176 -31.52 6.04 31.22
CA ALA E 176 -32.13 6.47 29.97
C ALA E 176 -32.97 7.70 30.25
N VAL E 177 -33.18 8.50 29.22
CA VAL E 177 -33.90 9.77 29.32
C VAL E 177 -35.04 9.77 28.34
N ALA E 178 -36.18 10.28 28.76
CA ALA E 178 -37.34 10.46 27.88
C ALA E 178 -37.90 11.86 28.09
N TRP E 179 -38.60 12.34 27.07
CA TRP E 179 -39.27 13.64 27.18
C TRP E 179 -40.24 13.80 26.00
N SER E 180 -41.06 14.83 26.09
CA SER E 180 -42.09 15.12 25.12
C SER E 180 -42.64 16.52 25.40
N ASN E 181 -43.04 17.21 24.34
CA ASN E 181 -43.67 18.51 24.51
C ASN E 181 -45.15 18.40 24.80
N LYS E 182 -45.80 17.34 24.32
CA LYS E 182 -47.22 17.12 24.57
C LYS E 182 -47.50 17.16 26.06
N SER E 183 -48.36 18.08 26.48
CA SER E 183 -48.66 18.24 27.89
C SER E 183 -49.52 17.11 28.45
N ASP E 184 -50.01 16.22 27.60
CA ASP E 184 -50.70 15.01 28.04
C ASP E 184 -49.75 13.85 28.26
N PHE E 185 -48.44 14.09 28.19
CA PHE E 185 -47.43 13.06 28.34
C PHE E 185 -46.98 12.97 29.79
N ALA E 186 -47.01 11.76 30.34
CA ALA E 186 -46.47 11.48 31.65
C ALA E 186 -45.37 10.43 31.53
N CYS E 187 -44.47 10.42 32.51
CA CYS E 187 -43.35 9.48 32.47
C CYS E 187 -43.83 8.04 32.37
N ALA E 188 -44.99 7.74 32.97
CA ALA E 188 -45.56 6.40 32.95
C ALA E 188 -46.07 6.05 31.55
N ASN E 189 -45.47 6.65 30.52
CA ASN E 189 -45.76 6.31 29.13
C ASN E 189 -44.51 5.75 28.46
N ALA E 190 -43.54 6.60 28.13
CA ALA E 190 -42.33 6.15 27.45
C ALA E 190 -41.68 4.98 28.18
N PHE E 191 -41.54 5.10 29.49
CA PHE E 191 -41.01 4.03 30.33
C PHE E 191 -42.09 3.07 30.79
N ASN E 192 -43.19 2.97 30.04
CA ASN E 192 -44.24 1.98 30.27
C ASN E 192 -44.48 1.14 29.02
N ASN E 193 -43.44 1.00 28.20
CA ASN E 193 -43.51 0.23 26.96
C ASN E 193 -42.79 -1.11 27.11
N SER E 194 -43.22 -1.86 28.13
CA SER E 194 -42.51 -3.07 28.57
C SER E 194 -41.00 -2.83 28.60
N ILE E 195 -40.60 -1.67 29.10
CA ILE E 195 -39.19 -1.35 29.26
C ILE E 195 -38.72 -1.57 30.69
N ILE E 196 -39.54 -1.20 31.66
CA ILE E 196 -39.14 -1.22 33.07
C ILE E 196 -39.56 -2.54 33.71
N PRO E 197 -38.84 -3.01 34.74
CA PRO E 197 -39.28 -4.22 35.46
C PRO E 197 -40.48 -3.97 36.35
N GLU E 198 -41.01 -5.01 37.00
CA GLU E 198 -42.19 -4.84 37.83
C GLU E 198 -41.90 -3.95 39.04
N ASP E 199 -40.72 -4.11 39.64
CA ASP E 199 -40.39 -3.45 40.90
C ASP E 199 -39.77 -2.07 40.71
N THR E 200 -40.21 -1.33 39.70
CA THR E 200 -39.67 0.00 39.45
C THR E 200 -40.34 1.02 40.38
N PHE E 201 -39.51 1.70 41.18
CA PHE E 201 -40.01 2.79 42.01
C PHE E 201 -40.51 3.93 41.13
N PHE E 202 -41.74 4.36 41.35
CA PHE E 202 -42.44 5.26 40.43
C PHE E 202 -43.25 6.28 41.22
N PRO E 203 -42.59 7.31 41.77
CA PRO E 203 -43.30 8.26 42.64
C PRO E 203 -44.11 9.31 41.90
N SER E 204 -44.34 10.45 42.55
CA SER E 204 -45.09 11.59 42.01
C SER E 204 -46.41 11.16 41.37
#